data_5BNP
#
_entry.id   5BNP
#
_cell.length_a   325.800
_cell.length_b   347.200
_cell.length_c   356.900
_cell.angle_alpha   90.000
_cell.angle_beta   90.000
_cell.angle_gamma   90.000
#
_symmetry.space_group_name_H-M   'I 2 2 2'
#
loop_
_entity.id
_entity.type
_entity.pdbx_description
1 polymer 'Capsid protein VP1'
2 polymer 'Capsid protein VP2'
3 polymer 'Capsid protein VP3'
4 polymer 'Capsid protein VP4'
5 branched 'N-acetyl-alpha-neuraminic acid-(2-3)-beta-D-galactopyranose-(1-4)-2-acetamido-2-deoxy-beta-D-glucopyranose'
6 water water
#
loop_
_entity_poly.entity_id
_entity_poly.type
_entity_poly.pdbx_seq_one_letter_code
_entity_poly.pdbx_strand_id
1 'polypeptide(L)'
;VESIIKTATDTVKSEINAELGVVPSLNAVETGATSNTEPEEAIQTRTVINQHGVSETLVENFLGRAALVSKKSFEYKNHA
SSSAGTHKNFFKWTINTKSFVQLRRKLELFTYLRFDAEITILTTVAVNGNNDSTYMGLPDLTLQAMFVPTGALTPKEQDS
FHWQSGSNASVFFKISDPPARMTIPFMCINSAYSVFYDGFAGFEKNGLYGINPADTIGNLCVRIVNEHQPVGFTVTVRVY
MKPKHIKAWAPRPPRTMPYMSIANANYKGRDTAPNTLNAIIGNRASVTTMPHNIVTT
;
A
2 'polypeptide(L)'
;SPSAEACGYSDRVLQLKLGNSAIVTQEAANYCCAYGEWPNYLPDHEAVAIDKPTQPETSTDRFYTLRSVKWESNSTGWWW
KLPDALNNIGMFGQNVQYHYLYRSGFLIHVQCNATKFHQGALLVVAIPEHQRGAHDTTTSPGFNDIMKGERGGTFNHPYV
LDDGTSIACATIFPHQWINLRTNNSATIVLPWMNVAPMDFPLRHNQWTLAVIPVVPLGTRTMSSVVPITVSIAPMCCEFN
GLRHAITQ
;
B
3 'polypeptide(L)'
;GVPTYLLPGSGQFLTTDDHSSAPVLPCFNPTPEMHIPGQIRNMLEMIQVESMMEINNTDGANGMERLRVDISVQADLDQL
LFNIPLDIQLDGPLRNTLVGNISRYYTHWSGSLEMTFMFCGSFMATGKLILCYTPPGGSCPTTRETAMLGTHIVWDFGLQ
SSITLIIPWISGSHYRMFNSDAKSTNANVGYVTCFMQTNLIVPSESSDTCSLIGFIAAKDDFSLRLMRDSPDIGQSNHLH
GAEAAYQ
;
C
4 'polypeptide(L)' GAQVTRQQTGTHENANIATNGSHITYNQINFYKDSYAASASKQDFSQDPSKFTEPVVEGLKAGAPVLK D
#
loop_
_chem_comp.id
_chem_comp.type
_chem_comp.name
_chem_comp.formula
GAL D-saccharide, beta linking beta-D-galactopyranose 'C6 H12 O6'
NAG D-saccharide, beta linking 2-acetamido-2-deoxy-beta-D-glucopyranose 'C8 H15 N O6'
SIA D-saccharide, alpha linking 'N-acetyl-alpha-neuraminic acid' 'C11 H19 N O9'
#
# COMPACT_ATOMS: atom_id res chain seq x y z
N VAL A 1 11.26 -20.19 3.09
CA VAL A 1 10.06 -19.52 2.50
C VAL A 1 10.42 -18.76 1.22
N GLU A 2 11.63 -18.23 1.16
CA GLU A 2 12.07 -17.51 -0.02
C GLU A 2 12.49 -18.49 -1.12
N SER A 3 12.16 -18.17 -2.36
CA SER A 3 12.51 -19.03 -3.47
C SER A 3 12.49 -18.26 -4.79
N ILE A 4 13.03 -18.89 -5.83
CA ILE A 4 13.07 -18.28 -7.15
C ILE A 4 11.84 -18.68 -7.96
N ILE A 5 11.04 -17.70 -8.33
CA ILE A 5 9.83 -17.94 -9.11
C ILE A 5 9.95 -17.29 -10.49
N LYS A 6 9.91 -18.10 -11.53
CA LYS A 6 10.00 -17.59 -12.90
C LYS A 6 8.69 -17.77 -13.69
N THR A 7 7.81 -18.63 -13.20
CA THR A 7 6.52 -18.86 -13.85
C THR A 7 5.43 -19.09 -12.81
N ALA A 8 4.18 -18.95 -13.22
CA ALA A 8 3.06 -19.19 -12.31
C ALA A 8 3.10 -20.67 -11.92
N THR A 9 2.65 -21.00 -10.71
CA THR A 9 2.68 -22.38 -10.26
C THR A 9 1.77 -23.33 -11.04
N ASP A 10 2.20 -24.58 -11.15
CA ASP A 10 1.43 -25.60 -11.86
C ASP A 10 0.30 -26.09 -10.98
N THR A 11 -0.64 -26.81 -11.59
CA THR A 11 -1.76 -27.37 -10.86
C THR A 11 -1.62 -28.89 -10.94
N VAL A 12 -1.92 -29.56 -9.83
CA VAL A 12 -1.85 -31.01 -9.77
C VAL A 12 -3.27 -31.54 -9.75
N LYS A 13 -3.50 -32.68 -10.40
CA LYS A 13 -4.84 -33.26 -10.42
C LYS A 13 -5.19 -33.66 -8.99
N SER A 14 -6.47 -33.58 -8.64
CA SER A 14 -6.91 -33.94 -7.30
C SER A 14 -8.11 -34.87 -7.38
N GLU A 15 -8.27 -35.69 -6.34
CA GLU A 15 -9.36 -36.65 -6.27
C GLU A 15 -10.44 -36.22 -5.29
N ILE A 16 -11.41 -37.10 -5.09
CA ILE A 16 -12.51 -36.87 -4.16
C ILE A 16 -11.96 -36.88 -2.73
N ASN A 17 -12.51 -36.03 -1.87
CA ASN A 17 -12.09 -35.95 -0.47
C ASN A 17 -13.28 -36.14 0.45
N ALA A 18 -13.07 -36.91 1.51
CA ALA A 18 -14.10 -37.17 2.51
C ALA A 18 -13.35 -37.61 3.77
N GLU A 19 -12.52 -36.72 4.29
CA GLU A 19 -11.75 -37.03 5.47
C GLU A 19 -12.14 -36.23 6.72
N LEU A 20 -12.43 -36.96 7.79
CA LEU A 20 -12.80 -36.34 9.06
C LEU A 20 -11.58 -35.61 9.61
N GLY A 21 -11.81 -34.45 10.23
CA GLY A 21 -10.72 -33.70 10.81
C GLY A 21 -9.93 -32.85 9.82
N VAL A 22 -10.27 -32.97 8.54
CA VAL A 22 -9.57 -32.22 7.49
C VAL A 22 -10.57 -31.29 6.78
N VAL A 23 -10.37 -29.99 6.96
CA VAL A 23 -11.26 -28.99 6.38
C VAL A 23 -10.46 -27.85 5.76
N PRO A 24 -9.78 -28.11 4.64
CA PRO A 24 -8.97 -27.09 3.97
C PRO A 24 -9.69 -25.81 3.55
N SER A 25 -11.00 -25.87 3.31
CA SER A 25 -11.71 -24.66 2.91
C SER A 25 -12.09 -23.72 4.06
N LEU A 26 -11.92 -24.19 5.29
CA LEU A 26 -12.21 -23.34 6.45
C LEU A 26 -10.93 -22.61 6.85
N ASN A 27 -11.05 -21.37 7.29
CA ASN A 27 -9.89 -20.58 7.69
C ASN A 27 -10.29 -19.67 8.85
N ALA A 28 -9.33 -18.89 9.34
CA ALA A 28 -9.58 -17.95 10.42
C ALA A 28 -8.91 -16.63 10.07
N VAL A 29 -9.68 -15.75 9.44
CA VAL A 29 -9.20 -14.45 9.02
C VAL A 29 -8.61 -13.66 10.20
N GLU A 30 -9.10 -13.93 11.41
CA GLU A 30 -8.62 -13.23 12.60
C GLU A 30 -7.11 -13.33 12.82
N THR A 31 -6.50 -14.41 12.36
CA THR A 31 -5.05 -14.59 12.54
C THR A 31 -4.22 -13.56 11.78
N GLY A 32 -4.81 -12.98 10.74
CA GLY A 32 -4.09 -12.01 9.94
C GLY A 32 -3.44 -12.65 8.72
N ALA A 33 -3.52 -13.99 8.65
CA ALA A 33 -2.96 -14.71 7.51
C ALA A 33 -4.02 -14.84 6.43
N THR A 34 -3.57 -14.82 5.18
CA THR A 34 -4.49 -14.95 4.06
C THR A 34 -4.80 -16.45 3.91
N SER A 35 -6.00 -16.76 3.44
CA SER A 35 -6.43 -18.14 3.24
C SER A 35 -5.37 -18.97 2.52
N ASN A 36 -5.13 -20.19 2.98
CA ASN A 36 -4.14 -21.05 2.32
C ASN A 36 -4.83 -22.19 1.56
N THR A 37 -6.14 -22.08 1.38
CA THR A 37 -6.89 -23.10 0.65
C THR A 37 -6.39 -23.16 -0.78
N GLU A 38 -6.02 -24.35 -1.25
CA GLU A 38 -5.52 -24.51 -2.61
C GLU A 38 -6.65 -24.97 -3.53
N PRO A 39 -6.57 -24.64 -4.82
CA PRO A 39 -7.61 -25.05 -5.78
C PRO A 39 -7.83 -26.56 -5.71
N GLU A 40 -6.73 -27.30 -5.59
CA GLU A 40 -6.80 -28.76 -5.52
C GLU A 40 -7.64 -29.25 -4.33
N GLU A 41 -7.73 -28.43 -3.29
CA GLU A 41 -8.50 -28.80 -2.10
C GLU A 41 -9.95 -28.33 -2.15
N ALA A 42 -10.23 -27.35 -2.99
CA ALA A 42 -11.58 -26.81 -3.10
C ALA A 42 -12.44 -27.52 -4.14
N ILE A 43 -11.80 -28.01 -5.19
CA ILE A 43 -12.49 -28.71 -6.26
C ILE A 43 -11.58 -29.79 -6.80
N GLN A 44 -12.10 -30.61 -7.71
CA GLN A 44 -11.27 -31.62 -8.34
C GLN A 44 -10.62 -30.91 -9.52
N THR A 45 -9.29 -30.95 -9.54
CA THR A 45 -8.53 -30.30 -10.59
C THR A 45 -7.85 -31.32 -11.49
N ARG A 46 -7.34 -30.84 -12.62
CA ARG A 46 -6.61 -31.69 -13.55
C ARG A 46 -5.16 -31.22 -13.37
N THR A 47 -4.24 -31.87 -14.07
CA THR A 47 -2.85 -31.46 -14.00
C THR A 47 -2.64 -30.40 -15.08
N VAL A 48 -1.95 -29.32 -14.72
CA VAL A 48 -1.66 -28.26 -15.67
C VAL A 48 -0.21 -27.78 -15.50
N ILE A 49 0.58 -27.87 -16.57
CA ILE A 49 1.95 -27.41 -16.52
C ILE A 49 1.85 -25.96 -16.97
N ASN A 50 1.89 -25.03 -16.01
CA ASN A 50 1.76 -23.61 -16.29
C ASN A 50 3.07 -22.95 -16.72
N GLN A 51 3.08 -22.41 -17.93
CA GLN A 51 4.28 -21.75 -18.46
C GLN A 51 4.19 -20.22 -18.44
N HIS A 52 3.14 -19.67 -17.84
CA HIS A 52 2.99 -18.23 -17.80
C HIS A 52 4.10 -17.55 -17.01
N GLY A 53 4.77 -16.60 -17.65
CA GLY A 53 5.86 -15.89 -17.01
C GLY A 53 5.39 -14.85 -16.00
N VAL A 54 6.30 -14.45 -15.10
CA VAL A 54 5.97 -13.47 -14.07
C VAL A 54 6.92 -12.27 -14.09
N SER A 55 7.70 -12.14 -15.15
CA SER A 55 8.67 -11.05 -15.21
C SER A 55 8.10 -9.65 -15.39
N GLU A 56 6.95 -9.50 -16.04
CA GLU A 56 6.43 -8.14 -16.23
C GLU A 56 5.98 -7.48 -14.94
N THR A 57 5.80 -8.27 -13.87
CA THR A 57 5.40 -7.72 -12.58
C THR A 57 6.57 -7.55 -11.61
N LEU A 58 7.79 -7.79 -12.10
CA LEU A 58 8.97 -7.58 -11.26
C LEU A 58 8.96 -6.10 -10.89
N VAL A 59 9.31 -5.79 -9.64
CA VAL A 59 9.31 -4.40 -9.21
C VAL A 59 10.15 -3.51 -10.13
N GLU A 60 11.29 -4.04 -10.58
CA GLU A 60 12.18 -3.30 -11.46
C GLU A 60 11.43 -2.86 -12.71
N ASN A 61 10.58 -3.73 -13.24
CA ASN A 61 9.83 -3.36 -14.43
C ASN A 61 8.61 -2.51 -14.12
N PHE A 62 7.92 -2.85 -13.03
CA PHE A 62 6.72 -2.11 -12.63
C PHE A 62 7.03 -0.62 -12.48
N LEU A 63 8.13 -0.30 -11.82
CA LEU A 63 8.52 1.10 -11.61
C LEU A 63 9.51 1.57 -12.66
N GLY A 64 10.07 0.64 -13.44
CA GLY A 64 11.05 1.00 -14.46
C GLY A 64 10.49 1.61 -15.73
N ARG A 65 9.99 2.84 -15.61
CA ARG A 65 9.45 3.56 -16.75
C ARG A 65 9.74 5.04 -16.59
N ALA A 66 10.07 5.70 -17.69
CA ALA A 66 10.36 7.12 -17.63
C ALA A 66 9.04 7.87 -17.57
N ALA A 67 8.73 8.42 -16.40
CA ALA A 67 7.48 9.16 -16.22
C ALA A 67 7.70 10.65 -16.08
N LEU A 68 6.76 11.43 -16.60
CA LEU A 68 6.84 12.88 -16.53
C LEU A 68 6.79 13.31 -15.07
N VAL A 69 7.76 14.13 -14.64
CA VAL A 69 7.78 14.62 -13.27
C VAL A 69 7.78 16.14 -13.21
N SER A 70 8.05 16.78 -14.35
CA SER A 70 8.07 18.24 -14.41
C SER A 70 7.81 18.77 -15.81
N LYS A 71 6.96 19.77 -15.90
CA LYS A 71 6.64 20.41 -17.18
C LYS A 71 6.58 21.90 -16.92
N LYS A 72 7.48 22.64 -17.57
CA LYS A 72 7.52 24.08 -17.36
C LYS A 72 7.72 24.86 -18.64
N SER A 73 6.78 25.75 -18.93
CA SER A 73 6.90 26.58 -20.12
C SER A 73 7.09 28.02 -19.68
N PHE A 74 7.99 28.73 -20.35
CA PHE A 74 8.26 30.13 -20.03
C PHE A 74 8.51 30.90 -21.31
N GLU A 75 8.56 32.22 -21.20
CA GLU A 75 8.79 33.06 -22.36
C GLU A 75 10.27 33.37 -22.52
N TYR A 76 10.79 33.12 -23.72
CA TYR A 76 12.18 33.40 -24.04
C TYR A 76 12.13 34.68 -24.87
N LYS A 77 12.56 35.78 -24.27
CA LYS A 77 12.53 37.07 -24.95
C LYS A 77 13.29 38.12 -24.14
N ASN A 78 13.20 39.37 -24.59
CA ASN A 78 13.83 40.48 -23.89
C ASN A 78 12.88 40.80 -22.73
N HIS A 79 13.30 40.48 -21.50
CA HIS A 79 12.46 40.72 -20.34
C HIS A 79 12.69 42.08 -19.67
N ALA A 80 13.00 43.09 -20.47
CA ALA A 80 13.26 44.43 -19.94
C ALA A 80 12.14 44.88 -19.00
N SER A 81 10.90 44.77 -19.45
CA SER A 81 9.76 45.20 -18.63
C SER A 81 8.92 44.04 -18.08
N SER A 82 9.56 43.04 -17.51
CA SER A 82 8.85 41.90 -16.93
C SER A 82 8.77 42.03 -15.42
N SER A 83 7.62 41.66 -14.86
CA SER A 83 7.40 41.74 -13.42
C SER A 83 8.30 40.78 -12.64
N THR A 86 7.65 36.14 -12.90
CA THR A 86 7.95 35.81 -14.29
C THR A 86 9.32 35.14 -14.43
N HIS A 87 9.38 34.10 -15.24
CA HIS A 87 10.61 33.36 -15.48
C HIS A 87 11.34 34.02 -16.64
N LYS A 88 12.35 34.84 -16.30
CA LYS A 88 13.12 35.56 -17.29
C LYS A 88 14.22 34.77 -17.97
N ASN A 89 13.81 33.96 -18.94
CA ASN A 89 14.72 33.12 -19.72
C ASN A 89 15.39 31.99 -18.93
N PHE A 90 14.83 31.67 -17.77
CA PHE A 90 15.33 30.57 -16.95
C PHE A 90 14.36 30.30 -15.81
N PHE A 91 14.49 29.15 -15.17
CA PHE A 91 13.65 28.81 -14.04
C PHE A 91 14.39 27.85 -13.13
N LYS A 92 13.85 27.70 -11.92
CA LYS A 92 14.42 26.80 -10.92
C LYS A 92 13.29 25.88 -10.50
N TRP A 93 13.58 24.58 -10.39
CA TRP A 93 12.57 23.63 -9.97
C TRP A 93 13.07 22.76 -8.83
N THR A 94 12.38 22.80 -7.69
CA THR A 94 12.77 21.94 -6.57
C THR A 94 12.24 20.57 -6.93
N ILE A 95 13.14 19.65 -7.23
CA ILE A 95 12.76 18.31 -7.63
C ILE A 95 11.83 17.61 -6.62
N ASN A 96 10.81 16.95 -7.15
CA ASN A 96 9.86 16.22 -6.33
C ASN A 96 9.11 15.29 -7.27
N THR A 97 8.62 14.18 -6.73
CA THR A 97 7.89 13.20 -7.53
C THR A 97 6.42 13.17 -7.12
N LYS A 98 5.92 14.30 -6.63
CA LYS A 98 4.54 14.38 -6.16
C LYS A 98 3.61 15.23 -7.01
N SER A 99 4.12 15.83 -8.08
CA SER A 99 3.31 16.71 -8.91
C SER A 99 2.46 16.05 -9.99
N PHE A 100 2.91 14.92 -10.51
CA PHE A 100 2.15 14.21 -11.55
C PHE A 100 1.65 12.91 -10.95
N VAL A 101 0.33 12.78 -10.93
CA VAL A 101 -0.34 11.64 -10.30
C VAL A 101 -0.06 10.20 -10.71
N GLN A 102 0.19 9.93 -11.99
CA GLN A 102 0.43 8.55 -12.38
C GLN A 102 1.70 8.02 -11.70
N LEU A 103 2.80 8.78 -11.77
CA LEU A 103 4.04 8.34 -11.14
C LEU A 103 3.89 8.34 -9.61
N ARG A 104 3.28 9.39 -9.07
CA ARG A 104 3.10 9.51 -7.63
C ARG A 104 2.37 8.32 -7.02
N ARG A 105 1.24 7.95 -7.60
CA ARG A 105 0.46 6.83 -7.08
C ARG A 105 1.23 5.52 -7.08
N LYS A 106 2.02 5.28 -8.14
CA LYS A 106 2.79 4.04 -8.20
C LYS A 106 3.88 4.00 -7.13
N LEU A 107 4.61 5.09 -6.99
CA LEU A 107 5.67 5.14 -5.97
C LEU A 107 5.04 4.98 -4.59
N GLU A 108 3.85 5.55 -4.41
CA GLU A 108 3.18 5.47 -3.12
C GLU A 108 2.56 4.11 -2.80
N LEU A 109 2.82 3.12 -3.65
CA LEU A 109 2.33 1.77 -3.39
C LEU A 109 3.35 1.12 -2.46
N PHE A 110 4.43 1.85 -2.18
CA PHE A 110 5.50 1.35 -1.33
C PHE A 110 5.82 2.34 -0.21
N THR A 111 6.37 1.83 0.89
CA THR A 111 6.73 2.68 2.02
C THR A 111 8.13 3.25 1.85
N TYR A 112 9.06 2.38 1.47
CA TYR A 112 10.46 2.78 1.26
C TYR A 112 10.92 2.33 -0.11
N LEU A 113 11.77 3.13 -0.74
CA LEU A 113 12.29 2.81 -2.07
C LEU A 113 13.74 3.24 -2.21
N ARG A 114 14.56 2.37 -2.78
CA ARG A 114 15.97 2.67 -3.02
C ARG A 114 16.18 2.52 -4.53
N PHE A 115 16.62 3.58 -5.18
CA PHE A 115 16.84 3.49 -6.62
C PHE A 115 17.69 4.62 -7.17
N ASP A 116 18.27 4.38 -8.34
CA ASP A 116 19.06 5.39 -9.03
C ASP A 116 18.03 5.99 -9.99
N ALA A 117 18.20 7.26 -10.36
CA ALA A 117 17.22 7.88 -11.23
C ALA A 117 17.74 8.41 -12.55
N GLU A 118 17.27 7.80 -13.64
CA GLU A 118 17.66 8.22 -14.97
C GLU A 118 16.78 9.43 -15.30
N ILE A 119 17.43 10.56 -15.59
CA ILE A 119 16.72 11.79 -15.90
C ILE A 119 16.82 12.10 -17.39
N THR A 120 15.67 12.38 -18.02
CA THR A 120 15.64 12.72 -19.44
C THR A 120 14.96 14.08 -19.57
N ILE A 121 15.56 14.99 -20.33
CA ILE A 121 15.02 16.33 -20.49
C ILE A 121 14.65 16.63 -21.95
N LEU A 122 13.36 16.87 -22.18
CA LEU A 122 12.82 17.16 -23.50
C LEU A 122 12.40 18.63 -23.64
N THR A 123 12.90 19.29 -24.68
CA THR A 123 12.61 20.70 -24.91
C THR A 123 11.83 20.96 -26.19
N THR A 124 10.84 21.84 -26.10
CA THR A 124 9.99 22.20 -27.23
C THR A 124 9.87 23.72 -27.35
N VAL A 125 9.74 24.22 -28.58
CA VAL A 125 9.63 25.66 -28.81
C VAL A 125 8.52 26.05 -29.78
N ALA A 126 7.97 27.25 -29.56
CA ALA A 126 6.92 27.78 -30.42
C ALA A 126 7.10 29.30 -30.51
N VAL A 127 6.92 29.84 -31.71
CA VAL A 127 7.05 31.27 -31.94
C VAL A 127 5.81 31.96 -31.40
N ASN A 128 6.01 33.11 -30.76
CA ASN A 128 4.87 33.87 -30.24
C ASN A 128 4.25 34.68 -31.37
N TYR A 135 5.10 33.84 -38.30
CA TYR A 135 6.04 32.73 -38.23
C TYR A 135 7.22 32.95 -39.17
N MET A 136 8.42 32.61 -38.70
CA MET A 136 9.62 32.76 -39.50
C MET A 136 10.74 31.80 -39.10
N GLY A 137 10.35 30.66 -38.53
CA GLY A 137 11.32 29.65 -38.13
C GLY A 137 11.54 29.43 -36.64
N LEU A 138 11.96 28.23 -36.29
CA LEU A 138 12.24 27.84 -34.90
C LEU A 138 13.75 27.76 -34.64
N PRO A 139 14.26 28.59 -33.72
CA PRO A 139 15.69 28.62 -33.39
C PRO A 139 16.17 27.37 -32.65
N ASP A 140 17.38 26.94 -32.99
CA ASP A 140 17.97 25.77 -32.35
C ASP A 140 18.79 26.27 -31.16
N LEU A 141 18.09 26.55 -30.06
CA LEU A 141 18.70 27.06 -28.86
C LEU A 141 19.51 26.07 -28.05
N THR A 142 20.45 26.59 -27.27
CA THR A 142 21.27 25.78 -26.39
C THR A 142 20.77 26.07 -24.98
N LEU A 143 20.50 25.02 -24.23
CA LEU A 143 20.03 25.17 -22.86
C LEU A 143 21.04 24.59 -21.89
N GLN A 144 20.97 25.05 -20.65
CA GLN A 144 21.85 24.57 -19.60
C GLN A 144 20.98 24.16 -18.41
N ALA A 145 21.16 22.92 -17.95
CA ALA A 145 20.44 22.42 -16.79
C ALA A 145 21.51 22.15 -15.74
N MET A 146 21.48 22.93 -14.66
CA MET A 146 22.46 22.78 -13.60
C MET A 146 21.82 22.18 -12.35
N PHE A 147 22.44 21.14 -11.81
CA PHE A 147 21.95 20.48 -10.61
C PHE A 147 22.50 21.23 -9.39
N VAL A 148 21.60 21.82 -8.61
CA VAL A 148 21.98 22.57 -7.42
C VAL A 148 21.37 21.84 -6.22
N PRO A 149 22.20 21.31 -5.32
CA PRO A 149 21.72 20.59 -4.13
C PRO A 149 20.56 21.27 -3.39
N THR A 150 19.73 20.44 -2.77
CA THR A 150 18.56 20.88 -2.01
C THR A 150 18.86 22.05 -1.07
N GLY A 151 18.14 23.16 -1.26
CA GLY A 151 18.32 24.33 -0.42
C GLY A 151 19.56 25.17 -0.73
N ALA A 152 20.36 24.73 -1.70
CA ALA A 152 21.58 25.44 -2.07
C ALA A 152 21.36 26.71 -2.91
N LEU A 153 22.46 27.39 -3.21
CA LEU A 153 22.44 28.65 -3.96
C LEU A 153 22.10 28.55 -5.45
N THR A 154 20.93 29.07 -5.82
CA THR A 154 20.48 29.05 -7.22
C THR A 154 20.66 30.41 -7.89
N PRO A 155 20.81 30.43 -9.22
CA PRO A 155 21.00 31.67 -9.98
C PRO A 155 19.77 32.57 -9.92
N LYS A 156 19.97 33.88 -9.98
CA LYS A 156 18.86 34.82 -9.94
C LYS A 156 18.62 35.50 -11.29
N GLU A 157 19.52 35.26 -12.25
CA GLU A 157 19.39 35.85 -13.58
C GLU A 157 19.93 34.91 -14.65
N GLN A 158 19.46 35.10 -15.88
CA GLN A 158 19.90 34.28 -17.00
C GLN A 158 21.41 34.37 -17.19
N ASP A 159 21.97 35.54 -16.93
CA ASP A 159 23.41 35.76 -17.10
C ASP A 159 24.20 35.81 -15.80
N SER A 160 23.62 35.30 -14.72
CA SER A 160 24.30 35.30 -13.43
C SER A 160 25.62 34.53 -13.55
N PHE A 161 26.63 34.92 -12.79
CA PHE A 161 27.90 34.22 -12.84
C PHE A 161 27.78 32.86 -12.16
N HIS A 162 26.65 32.62 -11.50
CA HIS A 162 26.41 31.35 -10.83
C HIS A 162 26.42 30.20 -11.84
N TRP A 163 26.08 30.51 -13.08
CA TRP A 163 26.06 29.49 -14.11
C TRP A 163 27.43 28.96 -14.51
N GLN A 164 28.50 29.54 -13.96
CA GLN A 164 29.84 29.08 -14.32
C GLN A 164 30.02 27.62 -13.89
N SER A 165 29.13 27.17 -13.01
CA SER A 165 29.10 25.77 -12.55
C SER A 165 30.46 25.13 -12.30
N GLY A 166 31.24 25.69 -11.39
CA GLY A 166 32.56 25.14 -11.09
C GLY A 166 32.55 23.75 -10.50
N SER A 167 31.55 23.45 -9.66
CA SER A 167 31.46 22.13 -9.04
C SER A 167 30.13 21.45 -9.32
N ASN A 168 29.06 22.24 -9.40
CA ASN A 168 27.74 21.69 -9.69
C ASN A 168 27.81 21.02 -11.06
N ALA A 169 27.03 19.96 -11.24
CA ALA A 169 27.00 19.30 -12.53
C ALA A 169 26.05 20.09 -13.42
N SER A 170 26.49 20.36 -14.65
CA SER A 170 25.65 21.07 -15.61
C SER A 170 25.66 20.29 -16.91
N VAL A 171 24.53 20.28 -17.60
CA VAL A 171 24.46 19.62 -18.88
C VAL A 171 23.98 20.65 -19.89
N PHE A 172 24.72 20.80 -20.98
CA PHE A 172 24.36 21.74 -22.03
C PHE A 172 23.83 20.90 -23.20
N PHE A 173 22.68 21.29 -23.73
CA PHE A 173 22.08 20.56 -24.83
C PHE A 173 21.33 21.48 -25.78
N LYS A 174 21.16 21.02 -27.01
CA LYS A 174 20.46 21.76 -28.05
C LYS A 174 19.08 21.18 -28.29
N ILE A 175 18.15 22.02 -28.69
CA ILE A 175 16.80 21.57 -28.98
C ILE A 175 16.81 20.59 -30.16
N SER A 176 17.80 20.72 -31.04
CA SER A 176 17.88 19.83 -32.20
C SER A 176 18.49 18.46 -31.87
N ASP A 177 19.08 18.33 -30.68
CA ASP A 177 19.67 17.05 -30.28
C ASP A 177 18.60 16.18 -29.65
N PRO A 178 18.90 14.89 -29.42
CA PRO A 178 17.90 14.03 -28.78
C PRO A 178 17.78 14.58 -27.36
N PRO A 179 16.72 14.22 -26.63
CA PRO A 179 16.59 14.73 -25.26
C PRO A 179 17.85 14.44 -24.46
N ALA A 180 18.24 15.35 -23.58
CA ALA A 180 19.42 15.15 -22.74
C ALA A 180 19.11 14.04 -21.74
N ARG A 181 20.13 13.34 -21.28
CA ARG A 181 19.92 12.26 -20.33
C ARG A 181 21.14 11.99 -19.44
N MET A 182 20.87 11.69 -18.18
CA MET A 182 21.92 11.41 -17.22
C MET A 182 21.29 10.70 -16.04
N THR A 183 22.12 10.01 -15.26
CA THR A 183 21.62 9.29 -14.09
C THR A 183 22.05 9.91 -12.78
N ILE A 184 21.09 10.18 -11.91
CA ILE A 184 21.37 10.72 -10.59
C ILE A 184 21.39 9.45 -9.72
N PRO A 185 22.47 9.23 -8.97
CA PRO A 185 22.51 8.02 -8.13
C PRO A 185 21.55 8.09 -6.96
N PHE A 186 21.35 6.96 -6.31
CA PHE A 186 20.52 6.93 -5.12
C PHE A 186 21.36 7.82 -4.20
N MET A 187 20.87 9.01 -3.90
CA MET A 187 21.65 9.95 -3.10
C MET A 187 21.14 10.28 -1.70
N CYS A 188 20.20 9.48 -1.20
CA CYS A 188 19.64 9.72 0.12
C CYS A 188 20.70 9.52 1.23
N ILE A 189 20.57 10.28 2.31
CA ILE A 189 21.50 10.14 3.43
C ILE A 189 21.17 8.87 4.22
N ASN A 190 20.04 8.24 3.89
CA ASN A 190 19.62 6.99 4.53
C ASN A 190 19.76 5.84 3.53
N SER A 191 19.45 4.62 3.97
CA SER A 191 19.57 3.46 3.11
C SER A 191 18.47 3.35 2.07
N ALA A 192 17.44 4.18 2.19
CA ALA A 192 16.34 4.18 1.23
C ALA A 192 15.57 5.48 1.38
N TYR A 193 14.84 5.87 0.32
CA TYR A 193 14.02 7.07 0.37
C TYR A 193 12.76 6.72 1.14
N SER A 194 12.19 7.70 1.82
CA SER A 194 10.94 7.49 2.55
C SER A 194 9.83 8.04 1.67
N VAL A 195 9.02 7.16 1.09
CA VAL A 195 7.94 7.62 0.24
C VAL A 195 6.91 8.33 1.12
N PHE A 196 6.78 7.85 2.35
CA PHE A 196 5.89 8.43 3.35
C PHE A 196 6.74 8.68 4.58
N TYR A 197 6.43 9.74 5.32
CA TYR A 197 7.21 10.07 6.51
C TYR A 197 6.29 10.61 7.60
N ASP A 198 6.01 9.77 8.59
CA ASP A 198 5.15 10.16 9.69
C ASP A 198 5.95 10.89 10.76
N GLY A 199 6.36 12.12 10.43
CA GLY A 199 7.13 12.91 11.37
C GLY A 199 7.34 14.34 10.91
N PHE A 200 8.11 15.08 11.69
CA PHE A 200 8.43 16.47 11.40
C PHE A 200 9.94 16.59 11.21
N ALA A 201 10.36 17.16 10.09
CA ALA A 201 11.78 17.28 9.78
C ALA A 201 12.55 18.38 10.51
N GLY A 202 12.08 18.81 11.68
CA GLY A 202 12.78 19.85 12.41
C GLY A 202 12.73 19.62 13.92
N PHE A 203 13.68 20.22 14.64
CA PHE A 203 13.71 20.05 16.08
C PHE A 203 12.69 20.92 16.82
N GLU A 204 12.09 21.89 16.13
CA GLU A 204 11.06 22.70 16.77
C GLU A 204 9.70 22.08 16.40
N LYS A 205 8.62 22.70 16.86
CA LYS A 205 7.29 22.16 16.58
C LYS A 205 6.54 22.75 15.39
N ASN A 206 7.07 23.82 14.81
CA ASN A 206 6.40 24.47 13.69
C ASN A 206 6.83 23.97 12.31
N GLY A 207 7.68 22.96 12.27
CA GLY A 207 8.12 22.45 10.98
C GLY A 207 7.00 21.81 10.17
N LEU A 208 7.30 21.46 8.93
CA LEU A 208 6.33 20.84 8.05
C LEU A 208 6.21 19.35 8.36
N TYR A 209 4.97 18.85 8.35
CA TYR A 209 4.70 17.45 8.64
C TYR A 209 4.76 16.62 7.35
N GLY A 210 5.29 15.41 7.45
CA GLY A 210 5.35 14.52 6.31
C GLY A 210 6.39 14.84 5.25
N ILE A 211 7.26 15.79 5.52
CA ILE A 211 8.29 16.16 4.56
C ILE A 211 9.69 15.95 5.12
N ASN A 212 10.34 14.86 4.72
CA ASN A 212 11.70 14.59 5.17
C ASN A 212 12.62 15.14 4.07
N PRO A 213 13.31 16.26 4.34
CA PRO A 213 14.22 16.87 3.35
C PRO A 213 15.24 15.89 2.77
N ALA A 214 15.55 14.85 3.54
CA ALA A 214 16.49 13.82 3.10
C ALA A 214 15.99 13.14 1.84
N ASP A 215 14.70 13.30 1.54
CA ASP A 215 14.11 12.68 0.36
C ASP A 215 13.91 13.63 -0.82
N THR A 216 14.57 14.78 -0.77
CA THR A 216 14.46 15.73 -1.89
C THR A 216 15.78 15.72 -2.66
N ILE A 217 15.75 15.09 -3.82
CA ILE A 217 16.93 14.97 -4.67
C ILE A 217 17.67 16.29 -4.84
N GLY A 218 16.95 17.39 -5.03
CA GLY A 218 17.60 18.68 -5.19
C GLY A 218 16.93 19.66 -6.14
N ASN A 219 17.64 20.73 -6.50
CA ASN A 219 17.13 21.74 -7.42
C ASN A 219 17.67 21.58 -8.83
N LEU A 220 16.80 21.85 -9.81
CA LEU A 220 17.19 21.77 -11.21
C LEU A 220 17.02 23.17 -11.78
N CYS A 221 18.13 23.82 -12.12
CA CYS A 221 18.09 25.17 -12.67
C CYS A 221 18.34 25.13 -14.17
N VAL A 222 17.35 25.57 -14.94
CA VAL A 222 17.44 25.53 -16.38
C VAL A 222 17.33 26.91 -17.02
N ARG A 223 18.25 27.21 -17.92
CA ARG A 223 18.23 28.49 -18.61
C ARG A 223 18.52 28.31 -20.09
N ILE A 224 18.13 29.31 -20.86
CA ILE A 224 18.44 29.31 -22.27
C ILE A 224 19.79 30.05 -22.25
N VAL A 225 20.79 29.47 -22.90
CA VAL A 225 22.11 30.08 -22.92
C VAL A 225 22.16 31.27 -23.87
N ASN A 226 21.51 31.16 -25.02
CA ASN A 226 21.48 32.22 -26.02
C ASN A 226 20.87 33.50 -25.46
N GLU A 227 21.39 34.65 -25.91
CA GLU A 227 20.82 35.93 -25.49
C GLU A 227 19.47 35.94 -26.22
N HIS A 228 18.56 36.81 -25.80
CA HIS A 228 17.26 36.87 -26.43
C HIS A 228 17.33 37.26 -27.90
N GLN A 229 16.32 36.84 -28.66
CA GLN A 229 16.22 37.14 -30.08
C GLN A 229 15.32 38.38 -30.20
N PRO A 230 15.20 38.95 -31.41
CA PRO A 230 14.35 40.14 -31.61
C PRO A 230 12.87 39.85 -31.35
N VAL A 231 12.48 38.58 -31.39
CA VAL A 231 11.09 38.21 -31.15
C VAL A 231 11.01 37.22 -29.98
N GLY A 232 9.81 37.06 -29.43
CA GLY A 232 9.64 36.15 -28.31
C GLY A 232 9.20 34.75 -28.67
N PHE A 233 9.59 33.79 -27.85
CA PHE A 233 9.22 32.40 -28.06
C PHE A 233 8.73 31.80 -26.75
N THR A 234 7.96 30.73 -26.85
CA THR A 234 7.50 30.03 -25.68
C THR A 234 8.33 28.76 -25.69
N VAL A 235 9.04 28.52 -24.59
CA VAL A 235 9.88 27.33 -24.49
C VAL A 235 9.33 26.46 -23.38
N THR A 236 9.16 25.17 -23.66
CA THR A 236 8.65 24.25 -22.65
C THR A 236 9.67 23.17 -22.40
N VAL A 237 9.98 22.95 -21.13
CA VAL A 237 10.93 21.94 -20.73
C VAL A 237 10.19 20.86 -19.95
N ARG A 238 10.34 19.61 -20.38
CA ARG A 238 9.71 18.49 -19.71
C ARG A 238 10.79 17.57 -19.17
N VAL A 239 10.66 17.20 -17.90
CA VAL A 239 11.64 16.31 -17.28
C VAL A 239 10.98 14.98 -16.96
N TYR A 240 11.66 13.90 -17.32
CA TYR A 240 11.15 12.56 -17.06
C TYR A 240 12.11 11.84 -16.13
N MET A 241 11.57 10.99 -15.27
CA MET A 241 12.40 10.23 -14.36
C MET A 241 12.10 8.75 -14.43
N LYS A 242 13.14 7.94 -14.52
CA LYS A 242 12.96 6.51 -14.54
C LYS A 242 13.83 5.86 -13.48
N PRO A 243 13.20 5.29 -12.45
CA PRO A 243 14.00 4.63 -11.41
C PRO A 243 14.53 3.28 -11.89
N LYS A 244 15.73 2.92 -11.45
CA LYS A 244 16.34 1.64 -11.82
C LYS A 244 17.19 1.13 -10.66
N HIS A 245 17.56 -0.15 -10.70
CA HIS A 245 18.34 -0.78 -9.63
C HIS A 245 17.49 -0.59 -8.37
N ILE A 246 16.22 -0.94 -8.50
CA ILE A 246 15.24 -0.75 -7.45
C ILE A 246 15.08 -1.84 -6.39
N LYS A 247 14.91 -1.38 -5.15
CA LYS A 247 14.63 -2.25 -4.01
C LYS A 247 13.44 -1.55 -3.36
N ALA A 248 12.41 -2.32 -3.03
CA ALA A 248 11.20 -1.76 -2.44
C ALA A 248 10.78 -2.52 -1.19
N TRP A 249 10.17 -1.80 -0.25
CA TRP A 249 9.75 -2.39 1.01
C TRP A 249 8.37 -1.93 1.47
N ALA A 250 7.65 -2.85 2.11
CA ALA A 250 6.33 -2.60 2.70
C ALA A 250 5.28 -1.98 1.81
N PRO A 251 4.63 -2.79 0.96
CA PRO A 251 3.59 -2.28 0.05
C PRO A 251 2.45 -1.63 0.85
N ARG A 252 1.72 -0.73 0.21
CA ARG A 252 0.66 0.01 0.90
C ARG A 252 -0.67 0.10 0.15
N PRO A 253 -1.74 0.49 0.85
CA PRO A 253 -3.06 0.62 0.22
C PRO A 253 -2.96 1.69 -0.87
N PRO A 254 -3.46 1.40 -2.08
CA PRO A 254 -3.40 2.38 -3.18
C PRO A 254 -4.24 3.63 -2.92
N ARG A 255 -3.80 4.76 -3.44
CA ARG A 255 -4.52 6.02 -3.30
C ARG A 255 -5.87 5.90 -4.02
N THR A 256 -6.94 6.36 -3.38
CA THR A 256 -8.27 6.32 -3.99
C THR A 256 -8.83 7.72 -4.21
N MET A 257 -8.68 8.58 -3.22
CA MET A 257 -9.18 9.95 -3.32
C MET A 257 -8.23 10.77 -4.21
N PRO A 258 -8.78 11.70 -5.00
CA PRO A 258 -7.92 12.52 -5.85
C PRO A 258 -6.89 13.24 -4.99
N TYR A 259 -5.69 13.49 -5.53
CA TYR A 259 -4.67 14.20 -4.79
C TYR A 259 -5.07 15.68 -4.73
N MET A 260 -4.70 16.35 -3.65
CA MET A 260 -5.02 17.77 -3.48
C MET A 260 -3.78 18.65 -3.49
N SER A 261 -2.70 18.14 -2.90
CA SER A 261 -1.45 18.89 -2.79
C SER A 261 -0.22 18.01 -2.94
N ILE A 262 0.89 18.61 -3.34
CA ILE A 262 2.12 17.85 -3.49
C ILE A 262 2.82 17.76 -2.14
N ALA A 263 2.36 18.54 -1.17
CA ALA A 263 2.98 18.58 0.16
C ALA A 263 2.36 17.66 1.20
N ASN A 264 1.26 17.00 0.87
CA ASN A 264 0.62 16.14 1.86
C ASN A 264 -0.37 15.17 1.24
N ALA A 265 -0.96 14.32 2.10
CA ALA A 265 -1.91 13.33 1.67
C ALA A 265 -3.35 13.78 1.86
N ASN A 266 -3.56 15.09 2.02
CA ASN A 266 -4.91 15.62 2.22
C ASN A 266 -5.87 15.09 1.15
N TYR A 267 -7.11 14.89 1.55
CA TYR A 267 -8.12 14.33 0.66
C TYR A 267 -9.48 15.01 0.80
N LYS A 268 -10.29 14.86 -0.24
CA LYS A 268 -11.62 15.45 -0.28
C LYS A 268 -12.58 14.50 -1.00
N GLY A 269 -12.09 13.83 -2.05
CA GLY A 269 -12.90 12.91 -2.81
C GLY A 269 -13.61 13.62 -3.95
N ARG A 270 -14.07 12.88 -4.95
CA ARG A 270 -14.79 13.49 -6.07
C ARG A 270 -16.17 13.91 -5.57
N ASP A 271 -16.87 14.72 -6.37
CA ASP A 271 -18.20 15.18 -5.99
C ASP A 271 -19.22 14.05 -5.91
N THR A 272 -19.08 13.07 -6.79
CA THR A 272 -19.97 11.90 -6.80
C THR A 272 -19.15 10.67 -7.11
N ALA A 273 -19.61 9.50 -6.64
CA ALA A 273 -18.91 8.25 -6.89
C ALA A 273 -18.68 8.11 -8.39
N PRO A 274 -17.65 7.35 -8.79
CA PRO A 274 -16.69 6.67 -7.92
C PRO A 274 -15.67 7.58 -7.27
N ASN A 275 -14.94 7.01 -6.30
CA ASN A 275 -13.90 7.71 -5.59
C ASN A 275 -14.34 8.96 -4.86
N THR A 276 -15.52 8.88 -4.23
CA THR A 276 -16.02 10.00 -3.44
C THR A 276 -15.72 9.54 -2.01
N LEU A 277 -15.62 10.49 -1.08
CA LEU A 277 -15.27 10.15 0.30
C LEU A 277 -16.16 9.11 0.99
N ASN A 278 -17.45 9.09 0.67
CA ASN A 278 -18.33 8.12 1.31
C ASN A 278 -18.63 6.91 0.42
N ALA A 279 -18.02 6.87 -0.77
CA ALA A 279 -18.25 5.74 -1.69
C ALA A 279 -17.15 5.69 -2.74
N ILE A 280 -16.22 4.75 -2.56
CA ILE A 280 -15.12 4.59 -3.50
C ILE A 280 -15.61 3.92 -4.79
N ILE A 281 -16.40 2.86 -4.63
CA ILE A 281 -16.93 2.14 -5.78
C ILE A 281 -18.27 2.73 -6.23
N GLY A 282 -18.50 2.73 -7.54
CA GLY A 282 -19.76 3.25 -8.05
C GLY A 282 -20.91 2.39 -7.52
N ASN A 283 -22.08 2.98 -7.37
CA ASN A 283 -23.23 2.25 -6.86
C ASN A 283 -23.96 1.38 -7.88
N ARG A 284 -24.63 0.36 -7.36
CA ARG A 284 -25.48 -0.52 -8.15
C ARG A 284 -26.81 -0.46 -7.37
N ALA A 285 -27.91 -0.84 -8.00
CA ALA A 285 -29.21 -0.76 -7.35
C ALA A 285 -29.34 -1.50 -6.01
N SER A 286 -28.74 -2.68 -5.90
CA SER A 286 -28.81 -3.45 -4.67
C SER A 286 -27.74 -4.54 -4.67
N VAL A 287 -27.57 -5.23 -3.55
CA VAL A 287 -26.56 -6.29 -3.47
C VAL A 287 -26.96 -7.54 -4.24
N THR A 288 -28.15 -7.55 -4.84
CA THR A 288 -28.58 -8.69 -5.66
C THR A 288 -28.75 -8.25 -7.11
N THR A 289 -28.33 -7.03 -7.42
CA THR A 289 -28.41 -6.51 -8.77
C THR A 289 -27.07 -6.80 -9.46
N MET A 290 -27.12 -7.52 -10.56
CA MET A 290 -25.90 -7.87 -11.29
C MET A 290 -25.67 -6.91 -12.44
N PRO A 291 -24.66 -6.05 -12.33
CA PRO A 291 -24.37 -5.10 -13.41
C PRO A 291 -23.84 -5.86 -14.61
N HIS A 292 -24.17 -5.38 -15.81
CA HIS A 292 -23.70 -6.01 -17.04
C HIS A 292 -24.17 -7.46 -17.15
N ASN A 293 -25.31 -7.76 -16.54
CA ASN A 293 -25.86 -9.10 -16.59
C ASN A 293 -26.09 -9.47 -18.05
N ILE A 294 -25.76 -10.71 -18.42
CA ILE A 294 -25.96 -11.16 -19.78
C ILE A 294 -27.44 -11.43 -20.01
N VAL A 295 -28.04 -10.66 -20.92
CA VAL A 295 -29.45 -10.80 -21.24
C VAL A 295 -29.68 -11.85 -22.34
N SER B 10 -4.59 -24.53 21.89
CA SER B 10 -3.13 -24.69 21.58
C SER B 10 -2.62 -23.42 20.91
N ASP B 11 -3.34 -22.92 19.91
CA ASP B 11 -2.92 -21.67 19.28
C ASP B 11 -3.97 -20.63 19.66
N ARG B 12 -4.80 -21.00 20.64
CA ARG B 12 -5.85 -20.13 21.16
C ARG B 12 -5.48 -19.56 22.53
N VAL B 13 -4.48 -20.15 23.18
CA VAL B 13 -4.03 -19.65 24.48
C VAL B 13 -2.60 -19.16 24.31
N LEU B 14 -2.24 -18.14 25.06
CA LEU B 14 -0.90 -17.57 24.93
C LEU B 14 -0.48 -16.75 26.13
N GLN B 15 0.80 -16.84 26.48
CA GLN B 15 1.34 -16.04 27.57
C GLN B 15 2.55 -15.29 27.04
N LEU B 16 2.56 -13.98 27.29
CA LEU B 16 3.65 -13.12 26.86
C LEU B 16 4.31 -12.63 28.15
N LYS B 17 5.61 -12.79 28.24
CA LYS B 17 6.33 -12.36 29.43
C LYS B 17 7.59 -11.59 29.08
N LEU B 18 7.68 -10.35 29.57
CA LEU B 18 8.84 -9.50 29.33
C LEU B 18 9.11 -8.67 30.58
N GLY B 19 10.34 -8.70 31.07
CA GLY B 19 10.67 -7.95 32.26
C GLY B 19 9.83 -8.45 33.44
N ASN B 20 9.26 -7.52 34.20
CA ASN B 20 8.43 -7.88 35.34
C ASN B 20 6.95 -7.94 34.97
N SER B 21 6.66 -8.06 33.68
CA SER B 21 5.28 -8.09 33.21
C SER B 21 4.92 -9.33 32.41
N ALA B 22 3.67 -9.76 32.54
CA ALA B 22 3.19 -10.93 31.82
C ALA B 22 1.71 -10.75 31.49
N ILE B 23 1.31 -11.35 30.38
CA ILE B 23 -0.07 -11.27 29.92
C ILE B 23 -0.48 -12.63 29.38
N VAL B 24 -1.72 -13.03 29.68
CA VAL B 24 -2.23 -14.29 29.14
C VAL B 24 -3.56 -14.00 28.47
N THR B 25 -3.92 -14.85 27.51
CA THR B 25 -5.19 -14.75 26.83
C THR B 25 -5.59 -16.19 26.58
N GLN B 26 -6.88 -16.48 26.71
CA GLN B 26 -7.37 -17.82 26.50
C GLN B 26 -8.19 -17.89 25.21
N GLU B 27 -8.23 -16.77 24.49
CA GLU B 27 -8.95 -16.69 23.23
C GLU B 27 -8.16 -15.86 22.22
N ALA B 28 -6.99 -16.38 21.86
CA ALA B 28 -6.13 -15.72 20.89
C ALA B 28 -6.37 -16.34 19.52
N ALA B 29 -5.71 -15.81 18.51
CA ALA B 29 -5.80 -16.32 17.14
C ALA B 29 -4.37 -16.37 16.64
N ASN B 30 -3.56 -17.26 17.23
CA ASN B 30 -2.15 -17.36 16.85
C ASN B 30 -1.63 -15.95 17.13
N TYR B 31 -0.56 -15.53 16.47
CA TYR B 31 -0.09 -14.16 16.62
C TYR B 31 0.79 -13.79 15.43
N CYS B 32 0.81 -12.50 15.13
CA CYS B 32 1.53 -11.98 13.99
C CYS B 32 2.94 -11.46 14.24
N CYS B 33 3.87 -11.86 13.39
CA CYS B 33 5.25 -11.38 13.43
C CYS B 33 5.35 -10.54 12.17
N ALA B 34 5.32 -9.21 12.33
CA ALA B 34 5.37 -8.30 11.19
C ALA B 34 6.41 -8.67 10.15
N TYR B 35 5.93 -8.91 8.92
CA TYR B 35 6.81 -9.26 7.81
C TYR B 35 7.68 -10.47 8.10
N GLY B 36 7.23 -11.32 9.03
CA GLY B 36 7.96 -12.52 9.38
C GLY B 36 9.28 -12.25 10.11
N GLU B 37 9.42 -11.06 10.67
CA GLU B 37 10.66 -10.71 11.36
C GLU B 37 10.49 -10.73 12.88
N TRP B 38 11.60 -10.57 13.59
CA TRP B 38 11.60 -10.55 15.04
C TRP B 38 12.59 -9.46 15.46
N PRO B 39 12.28 -8.72 16.54
CA PRO B 39 13.16 -7.65 17.01
C PRO B 39 14.57 -8.15 17.33
N ASN B 40 15.57 -7.28 17.18
CA ASN B 40 16.95 -7.62 17.48
C ASN B 40 17.74 -6.35 17.74
N TYR B 41 18.88 -6.49 18.41
CA TYR B 41 19.73 -5.33 18.69
C TYR B 41 20.49 -4.96 17.41
N LEU B 42 20.91 -3.71 17.34
CA LEU B 42 21.65 -3.21 16.18
C LEU B 42 23.03 -3.83 16.03
N PRO B 43 23.27 -4.55 14.92
CA PRO B 43 24.58 -5.18 14.70
C PRO B 43 25.66 -4.17 14.33
N ASP B 44 26.91 -4.50 14.62
CA ASP B 44 28.04 -3.62 14.32
C ASP B 44 28.13 -3.23 12.84
N HIS B 45 27.74 -4.13 11.95
CA HIS B 45 27.84 -3.83 10.52
C HIS B 45 26.72 -2.95 9.97
N GLU B 46 25.82 -2.51 10.83
CA GLU B 46 24.74 -1.63 10.39
C GLU B 46 24.74 -0.36 11.25
N ALA B 47 25.60 -0.32 12.26
CA ALA B 47 25.69 0.81 13.16
C ALA B 47 26.26 2.08 12.55
N VAL B 48 25.83 3.22 13.08
CA VAL B 48 26.27 4.53 12.63
C VAL B 48 26.82 5.37 13.79
N ALA B 49 26.01 5.56 14.83
CA ALA B 49 26.42 6.33 16.01
C ALA B 49 27.52 5.54 16.70
N ILE B 50 28.67 6.16 16.95
CA ILE B 50 29.79 5.44 17.54
C ILE B 50 29.90 5.37 19.06
N ASP B 51 29.07 6.10 19.79
CA ASP B 51 29.14 6.04 21.24
C ASP B 51 28.53 4.71 21.71
N LYS B 52 29.05 4.18 22.82
CA LYS B 52 28.53 2.92 23.35
C LYS B 52 27.09 3.13 23.78
N PRO B 53 26.16 2.33 23.24
CA PRO B 53 24.76 2.48 23.61
C PRO B 53 24.42 1.89 24.97
N THR B 54 23.29 2.32 25.52
CA THR B 54 22.82 1.77 26.77
C THR B 54 21.69 0.83 26.37
N GLN B 55 21.68 -0.36 26.96
CA GLN B 55 20.63 -1.35 26.69
C GLN B 55 20.06 -1.70 28.05
N PRO B 56 19.10 -0.89 28.52
CA PRO B 56 18.45 -1.06 29.83
C PRO B 56 17.69 -2.36 30.06
N GLU B 57 17.40 -3.09 28.98
CA GLU B 57 16.69 -4.35 29.08
C GLU B 57 15.35 -4.32 29.83
N THR B 58 15.27 -5.01 30.97
CA THR B 58 14.01 -5.10 31.70
C THR B 58 13.34 -3.82 32.17
N SER B 59 14.08 -2.74 32.37
CA SER B 59 13.44 -1.52 32.82
C SER B 59 12.63 -0.86 31.71
N THR B 60 12.94 -1.18 30.45
CA THR B 60 12.24 -0.62 29.30
C THR B 60 11.50 -1.65 28.46
N ASP B 61 12.05 -2.86 28.37
CA ASP B 61 11.44 -3.91 27.56
C ASP B 61 10.45 -4.66 28.44
N ARG B 62 9.26 -4.07 28.57
CA ARG B 62 8.20 -4.63 29.41
C ARG B 62 6.88 -4.04 28.91
N PHE B 63 5.77 -4.61 29.35
CA PHE B 63 4.46 -4.12 28.92
C PHE B 63 3.99 -2.85 29.61
N TYR B 64 3.58 -1.88 28.81
CA TYR B 64 3.04 -0.63 29.31
C TYR B 64 1.59 -0.62 28.85
N THR B 65 0.66 -0.55 29.80
CA THR B 65 -0.76 -0.52 29.46
C THR B 65 -1.28 0.90 29.44
N LEU B 66 -1.82 1.32 28.30
CA LEU B 66 -2.35 2.67 28.14
C LEU B 66 -3.78 2.74 28.66
N ARG B 67 -4.30 3.95 28.76
CA ARG B 67 -5.68 4.13 29.21
C ARG B 67 -6.59 3.48 28.18
N SER B 68 -7.67 2.87 28.64
CA SER B 68 -8.61 2.20 27.74
C SER B 68 -9.51 3.20 27.02
N VAL B 69 -10.20 2.72 26.00
CA VAL B 69 -11.16 3.54 25.26
C VAL B 69 -12.44 2.72 25.25
N LYS B 70 -13.57 3.37 25.06
CA LYS B 70 -14.84 2.67 25.04
C LYS B 70 -15.33 2.42 23.62
N TRP B 71 -15.65 1.17 23.32
CA TRP B 71 -16.16 0.82 22.00
C TRP B 71 -17.65 1.14 21.98
N GLU B 72 -18.05 2.13 21.19
CA GLU B 72 -19.45 2.50 21.12
C GLU B 72 -20.05 2.16 19.76
N SER B 73 -21.37 2.08 19.72
CA SER B 73 -22.08 1.72 18.49
C SER B 73 -21.72 2.61 17.29
N ASN B 74 -21.31 3.84 17.56
CA ASN B 74 -20.97 4.77 16.48
C ASN B 74 -19.48 5.12 16.42
N SER B 75 -18.64 4.34 17.07
CA SER B 75 -17.19 4.60 17.06
C SER B 75 -16.61 4.50 15.65
N THR B 76 -15.61 5.33 15.37
CA THR B 76 -14.97 5.33 14.06
C THR B 76 -13.60 4.63 14.10
N GLY B 77 -13.04 4.47 15.29
CA GLY B 77 -11.75 3.83 15.39
C GLY B 77 -10.73 4.66 16.16
N TRP B 78 -9.65 4.03 16.58
CA TRP B 78 -8.62 4.68 17.37
C TRP B 78 -7.23 4.40 16.82
N TRP B 79 -6.28 5.26 17.17
CA TRP B 79 -4.90 5.07 16.76
C TRP B 79 -3.93 5.59 17.79
N TRP B 80 -2.75 4.97 17.84
CA TRP B 80 -1.68 5.36 18.76
C TRP B 80 -0.39 5.28 17.96
N LYS B 81 0.41 6.34 18.01
CA LYS B 81 1.67 6.34 17.27
C LYS B 81 2.82 5.96 18.18
N LEU B 82 3.78 5.23 17.63
CA LEU B 82 4.95 4.77 18.38
C LEU B 82 6.21 5.35 17.77
N PRO B 83 7.17 5.78 18.62
CA PRO B 83 7.16 5.75 20.09
C PRO B 83 6.40 6.83 20.85
N ASP B 84 5.81 7.79 20.15
CA ASP B 84 5.11 8.89 20.82
C ASP B 84 4.21 8.48 22.00
N ALA B 85 3.38 7.46 21.81
CA ALA B 85 2.48 7.03 22.87
C ALA B 85 3.17 6.64 24.18
N LEU B 86 4.43 6.24 24.08
CA LEU B 86 5.18 5.81 25.25
C LEU B 86 6.32 6.76 25.65
N ASN B 87 6.52 7.83 24.89
CA ASN B 87 7.63 8.74 25.19
C ASN B 87 7.62 9.41 26.56
N ASN B 88 6.53 9.24 27.31
CA ASN B 88 6.48 9.83 28.63
C ASN B 88 6.04 8.82 29.68
N ILE B 89 6.25 7.54 29.40
CA ILE B 89 5.87 6.48 30.32
C ILE B 89 7.05 5.65 30.83
N GLY B 90 7.13 5.53 32.16
CA GLY B 90 8.18 4.75 32.79
C GLY B 90 9.61 5.04 32.41
N MET B 91 10.46 4.02 32.54
CA MET B 91 11.88 4.18 32.22
C MET B 91 12.12 4.27 30.72
N PHE B 92 11.15 3.80 29.92
CA PHE B 92 11.32 3.90 28.47
C PHE B 92 11.24 5.40 28.18
N GLY B 93 10.24 6.05 28.77
CA GLY B 93 10.08 7.48 28.58
C GLY B 93 11.29 8.28 29.06
N GLN B 94 11.88 7.88 30.18
CA GLN B 94 13.05 8.61 30.69
C GLN B 94 14.24 8.47 29.75
N ASN B 95 14.50 7.26 29.27
CA ASN B 95 15.61 7.06 28.34
C ASN B 95 15.39 7.87 27.07
N VAL B 96 14.15 7.90 26.60
CA VAL B 96 13.82 8.65 25.39
C VAL B 96 14.09 10.16 25.57
N GLN B 97 13.75 10.68 26.75
CA GLN B 97 13.95 12.10 27.02
C GLN B 97 15.40 12.51 27.23
N TYR B 98 16.21 11.59 27.75
CA TYR B 98 17.62 11.87 28.02
C TYR B 98 18.55 11.52 26.87
N HIS B 99 18.05 10.84 25.84
CA HIS B 99 18.88 10.45 24.70
C HIS B 99 18.37 11.00 23.38
N TYR B 100 19.30 11.45 22.54
CA TYR B 100 18.96 11.97 21.23
C TYR B 100 18.49 10.83 20.31
N LEU B 101 19.08 9.65 20.46
CA LEU B 101 18.72 8.52 19.61
C LEU B 101 18.14 7.31 20.33
N TYR B 102 17.21 6.63 19.67
CA TYR B 102 16.60 5.44 20.21
C TYR B 102 16.35 4.43 19.09
N ARG B 103 16.13 3.19 19.49
CA ARG B 103 15.86 2.11 18.56
C ARG B 103 15.17 0.99 19.36
N SER B 104 14.14 0.39 18.77
CA SER B 104 13.46 -0.72 19.45
C SER B 104 12.37 -1.33 18.59
N GLY B 105 11.94 -2.53 18.98
CA GLY B 105 10.86 -3.20 18.31
C GLY B 105 9.71 -3.02 19.29
N PHE B 106 8.57 -3.64 19.03
CA PHE B 106 7.42 -3.52 19.93
C PHE B 106 6.56 -4.77 19.91
N LEU B 107 6.07 -5.17 21.07
CA LEU B 107 5.17 -6.31 21.15
C LEU B 107 3.83 -5.66 21.51
N ILE B 108 2.88 -5.75 20.60
CA ILE B 108 1.56 -5.16 20.80
C ILE B 108 0.48 -6.19 21.13
N HIS B 109 -0.29 -5.90 22.16
CA HIS B 109 -1.37 -6.78 22.58
C HIS B 109 -2.63 -5.94 22.81
N VAL B 110 -3.61 -6.11 21.93
CA VAL B 110 -4.86 -5.37 22.02
C VAL B 110 -5.89 -6.30 22.65
N GLN B 111 -6.63 -5.79 23.63
CA GLN B 111 -7.61 -6.58 24.37
C GLN B 111 -9.04 -6.06 24.30
N CYS B 112 -9.97 -6.98 24.09
CA CYS B 112 -11.39 -6.63 24.03
C CYS B 112 -12.25 -7.88 24.15
N ASN B 113 -12.92 -8.00 25.28
CA ASN B 113 -13.80 -9.13 25.53
C ASN B 113 -15.23 -8.63 25.65
N ALA B 114 -16.18 -9.53 25.42
CA ALA B 114 -17.58 -9.16 25.53
C ALA B 114 -18.40 -10.34 26.01
N THR B 115 -19.39 -10.73 25.22
CA THR B 115 -20.28 -11.82 25.59
C THR B 115 -20.58 -12.68 24.37
N LYS B 116 -21.03 -13.92 24.60
CA LYS B 116 -21.38 -14.84 23.51
C LYS B 116 -22.60 -14.28 22.75
N PHE B 117 -23.19 -13.22 23.27
CA PHE B 117 -24.35 -12.58 22.63
C PHE B 117 -23.98 -11.28 21.93
N HIS B 118 -22.71 -10.89 22.01
CA HIS B 118 -22.24 -9.67 21.35
C HIS B 118 -21.61 -10.00 20.01
N GLN B 119 -21.62 -9.03 19.10
CA GLN B 119 -21.00 -9.21 17.80
C GLN B 119 -20.22 -7.94 17.48
N GLY B 120 -19.17 -8.08 16.68
CA GLY B 120 -18.37 -6.94 16.32
C GLY B 120 -17.02 -7.41 15.83
N ALA B 121 -16.39 -6.64 14.96
CA ALA B 121 -15.09 -7.02 14.44
C ALA B 121 -14.18 -5.80 14.34
N LEU B 122 -13.01 -5.90 14.95
CA LEU B 122 -12.04 -4.83 14.94
C LEU B 122 -10.84 -5.21 14.11
N LEU B 123 -10.42 -4.30 13.23
CA LEU B 123 -9.23 -4.55 12.45
C LEU B 123 -8.12 -3.96 13.33
N VAL B 124 -7.12 -4.77 13.64
CA VAL B 124 -5.99 -4.31 14.46
C VAL B 124 -4.78 -4.37 13.55
N VAL B 125 -4.37 -3.21 13.07
CA VAL B 125 -3.26 -3.15 12.12
C VAL B 125 -2.13 -2.22 12.53
N ALA B 126 -0.90 -2.65 12.28
CA ALA B 126 0.29 -1.85 12.57
C ALA B 126 0.74 -1.24 11.24
N ILE B 127 0.59 0.06 11.12
CA ILE B 127 0.95 0.77 9.90
C ILE B 127 2.31 1.46 9.97
N PRO B 128 3.23 1.11 9.07
CA PRO B 128 4.54 1.75 9.09
C PRO B 128 4.42 3.11 8.41
N GLU B 129 5.09 4.12 8.95
CA GLU B 129 5.05 5.47 8.39
C GLU B 129 3.63 5.91 8.03
N HIS B 130 2.71 5.86 8.99
CA HIS B 130 1.35 6.29 8.69
C HIS B 130 1.25 7.81 8.70
N GLN B 131 1.56 8.41 7.56
CA GLN B 131 1.50 9.86 7.41
C GLN B 131 0.05 10.26 7.18
N ARG B 132 -0.53 10.94 8.17
CA ARG B 132 -1.93 11.37 8.07
C ARG B 132 -2.16 12.51 7.10
N GLY B 133 -3.37 12.56 6.56
CA GLY B 133 -3.74 13.63 5.67
C GLY B 133 -4.88 14.36 6.38
N ALA B 134 -5.13 15.62 6.01
CA ALA B 134 -6.22 16.37 6.60
C ALA B 134 -7.36 16.35 5.58
N HIS B 135 -8.59 16.49 6.06
CA HIS B 135 -9.75 16.46 5.21
C HIS B 135 -10.22 17.81 4.68
N ASP B 136 -10.50 17.86 3.39
CA ASP B 136 -11.03 19.04 2.72
C ASP B 136 -10.30 20.36 2.96
N THR B 137 -8.98 20.36 2.76
CA THR B 137 -8.16 21.54 2.94
C THR B 137 -6.79 21.22 2.35
N THR B 138 -6.04 22.25 1.96
CA THR B 138 -4.72 22.01 1.41
C THR B 138 -3.66 22.18 2.50
N THR B 139 -4.09 22.61 3.67
CA THR B 139 -3.17 22.81 4.79
C THR B 139 -2.80 21.49 5.45
N SER B 140 -1.50 21.24 5.55
CA SER B 140 -1.00 20.00 6.16
C SER B 140 -1.35 19.92 7.64
N PRO B 141 -1.51 18.69 8.17
CA PRO B 141 -1.84 18.48 9.58
C PRO B 141 -0.79 19.15 10.48
N GLY B 142 -1.23 19.67 11.61
CA GLY B 142 -0.31 20.33 12.53
C GLY B 142 0.25 19.40 13.59
N PHE B 143 1.22 19.89 14.35
CA PHE B 143 1.87 19.10 15.40
C PHE B 143 0.87 18.45 16.35
N ASN B 144 -0.10 19.24 16.82
CA ASN B 144 -1.10 18.71 17.75
C ASN B 144 -2.10 17.74 17.13
N ASP B 145 -2.19 17.72 15.80
CA ASP B 145 -3.09 16.79 15.14
C ASP B 145 -2.43 15.42 15.07
N ILE B 146 -1.10 15.43 15.16
CA ILE B 146 -0.32 14.21 15.05
C ILE B 146 0.19 13.61 16.36
N MET B 147 0.75 14.45 17.22
CA MET B 147 1.31 13.99 18.48
C MET B 147 0.28 14.00 19.61
N LYS B 148 -0.37 12.87 19.82
CA LYS B 148 -1.40 12.74 20.86
C LYS B 148 -0.88 12.07 22.12
N GLY B 149 0.29 11.47 22.04
CA GLY B 149 0.84 10.80 23.20
C GLY B 149 0.06 9.57 23.60
N GLU B 150 0.09 9.27 24.90
CA GLU B 150 -0.57 8.12 25.50
C GLU B 150 -2.07 8.01 25.23
N ARG B 151 -2.74 9.14 25.06
CA ARG B 151 -4.18 9.18 24.80
C ARG B 151 -4.53 8.65 23.41
N GLY B 152 -3.60 8.82 22.47
CA GLY B 152 -3.85 8.38 21.11
C GLY B 152 -4.85 9.30 20.45
N GLY B 153 -5.25 8.96 19.22
CA GLY B 153 -6.21 9.78 18.52
C GLY B 153 -7.40 8.97 18.03
N THR B 154 -8.21 9.59 17.19
CA THR B 154 -9.40 8.97 16.63
C THR B 154 -9.43 9.17 15.11
N PHE B 155 -10.04 8.22 14.38
CA PHE B 155 -10.13 8.33 12.93
C PHE B 155 -11.30 9.22 12.54
N ASN B 156 -11.07 10.12 11.59
CA ASN B 156 -12.12 11.01 11.10
C ASN B 156 -12.87 10.28 9.99
N HIS B 157 -12.11 9.63 9.11
CA HIS B 157 -12.66 8.90 7.98
C HIS B 157 -11.91 7.57 7.83
N PRO B 158 -12.18 6.62 8.74
CA PRO B 158 -11.51 5.31 8.71
C PRO B 158 -11.61 4.62 7.36
N TYR B 159 -12.67 4.91 6.62
CA TYR B 159 -12.90 4.31 5.30
C TYR B 159 -11.70 4.53 4.37
N VAL B 160 -11.01 5.66 4.53
CA VAL B 160 -9.83 5.95 3.71
C VAL B 160 -8.57 6.09 4.57
N LEU B 161 -8.59 5.47 5.75
CA LEU B 161 -7.48 5.50 6.70
C LEU B 161 -6.96 6.90 6.98
N ASP B 162 -7.83 7.90 6.89
CA ASP B 162 -7.43 9.29 7.12
C ASP B 162 -6.21 9.69 6.30
N ASP B 163 -5.99 9.04 5.17
CA ASP B 163 -4.85 9.40 4.32
C ASP B 163 -5.17 9.29 2.83
N GLY B 164 -6.45 9.27 2.51
CA GLY B 164 -6.87 9.20 1.12
C GLY B 164 -6.69 7.86 0.42
N THR B 165 -6.38 6.80 1.16
CA THR B 165 -6.22 5.49 0.54
C THR B 165 -7.44 4.65 0.87
N SER B 166 -7.30 3.58 1.63
CA SER B 166 -8.47 2.77 1.99
C SER B 166 -8.20 1.76 3.08
N ILE B 167 -9.20 1.49 3.90
CA ILE B 167 -9.04 0.50 4.94
C ILE B 167 -9.19 -0.88 4.31
N ALA B 168 -9.93 -0.95 3.20
CA ALA B 168 -10.15 -2.22 2.51
C ALA B 168 -8.83 -2.92 2.17
N CYS B 169 -7.82 -2.14 1.77
CA CYS B 169 -6.52 -2.71 1.42
C CYS B 169 -5.50 -2.61 2.54
N ALA B 170 -5.93 -2.18 3.73
CA ALA B 170 -5.03 -2.04 4.87
C ALA B 170 -4.46 -3.38 5.34
N THR B 171 -5.07 -4.47 4.88
CA THR B 171 -4.61 -5.81 5.26
C THR B 171 -3.24 -6.10 4.67
N ILE B 172 -2.72 -5.20 3.84
CA ILE B 172 -1.40 -5.39 3.26
C ILE B 172 -0.35 -5.14 4.35
N PHE B 173 -0.79 -4.52 5.44
CA PHE B 173 0.08 -4.23 6.58
C PHE B 173 -0.09 -5.33 7.64
N PRO B 174 0.91 -5.47 8.54
CA PRO B 174 0.84 -6.49 9.60
C PRO B 174 -0.44 -6.28 10.40
N HIS B 175 -1.23 -7.33 10.58
CA HIS B 175 -2.48 -7.17 11.30
C HIS B 175 -3.10 -8.47 11.81
N GLN B 176 -4.18 -8.30 12.57
CA GLN B 176 -4.99 -9.38 13.09
C GLN B 176 -6.36 -8.74 13.23
N TRP B 177 -7.35 -9.55 13.60
CA TRP B 177 -8.69 -9.02 13.82
C TRP B 177 -9.16 -9.53 15.16
N ILE B 178 -10.08 -8.79 15.76
CA ILE B 178 -10.70 -9.24 16.98
C ILE B 178 -12.17 -9.31 16.58
N ASN B 179 -12.61 -10.53 16.32
CA ASN B 179 -13.98 -10.82 15.93
C ASN B 179 -14.54 -11.45 17.21
N LEU B 180 -15.40 -10.70 17.90
CA LEU B 180 -15.95 -11.14 19.18
C LEU B 180 -16.39 -12.59 19.34
N ARG B 181 -16.99 -13.18 18.31
CA ARG B 181 -17.42 -14.58 18.44
C ARG B 181 -16.24 -15.55 18.40
N THR B 182 -15.09 -15.05 17.96
CA THR B 182 -13.90 -15.88 17.83
C THR B 182 -12.79 -15.69 18.86
N ASN B 183 -12.34 -14.45 19.03
CA ASN B 183 -11.25 -14.17 19.95
C ASN B 183 -11.46 -12.89 20.76
N ASN B 184 -10.64 -12.69 21.79
CA ASN B 184 -10.76 -11.49 22.60
C ASN B 184 -9.46 -10.69 22.67
N SER B 185 -8.51 -11.02 21.82
CA SER B 185 -7.24 -10.30 21.80
C SER B 185 -6.49 -10.48 20.49
N ALA B 186 -5.61 -9.53 20.19
CA ALA B 186 -4.79 -9.56 19.00
C ALA B 186 -3.37 -9.26 19.44
N THR B 187 -2.40 -9.96 18.84
CA THR B 187 -1.00 -9.79 19.20
C THR B 187 -0.15 -9.63 17.95
N ILE B 188 0.67 -8.58 17.93
CA ILE B 188 1.54 -8.30 16.79
C ILE B 188 2.93 -7.95 17.28
N VAL B 189 3.94 -8.64 16.76
CA VAL B 189 5.33 -8.36 17.14
C VAL B 189 5.93 -7.49 16.02
N LEU B 190 6.44 -6.33 16.41
CA LEU B 190 7.01 -5.39 15.45
C LEU B 190 8.51 -5.22 15.60
N PRO B 191 9.25 -5.37 14.49
CA PRO B 191 10.70 -5.21 14.51
C PRO B 191 10.97 -3.73 14.25
N TRP B 192 12.22 -3.31 14.40
CA TRP B 192 12.57 -1.92 14.11
C TRP B 192 12.21 -1.72 12.64
N MET B 193 11.51 -0.65 12.32
CA MET B 193 11.10 -0.38 10.94
C MET B 193 11.47 1.06 10.59
N ASN B 194 12.54 1.22 9.82
CA ASN B 194 12.99 2.56 9.46
C ASN B 194 14.06 2.44 8.37
N VAL B 195 14.43 3.56 7.77
CA VAL B 195 15.46 3.57 6.74
C VAL B 195 16.82 3.88 7.37
N ALA B 196 16.80 4.18 8.66
CA ALA B 196 18.02 4.48 9.42
C ALA B 196 18.10 3.50 10.59
N PRO B 197 19.32 3.21 11.07
CA PRO B 197 19.47 2.28 12.19
C PRO B 197 18.91 2.77 13.52
N MET B 198 18.84 4.09 13.71
CA MET B 198 18.29 4.68 14.93
C MET B 198 17.60 5.98 14.52
N ASP B 199 16.87 6.59 15.45
CA ASP B 199 16.17 7.83 15.13
C ASP B 199 15.91 8.69 16.37
N PHE B 200 15.52 9.94 16.14
CA PHE B 200 15.18 10.86 17.22
C PHE B 200 13.71 10.57 17.53
N PRO B 201 13.44 9.97 18.70
CA PRO B 201 12.09 9.60 19.12
C PRO B 201 11.00 10.66 19.24
N LEU B 202 11.36 11.92 19.41
CA LEU B 202 10.36 12.97 19.59
C LEU B 202 9.79 13.63 18.34
N ARG B 203 10.31 13.29 17.17
CA ARG B 203 9.82 13.92 15.94
C ARG B 203 9.45 12.96 14.81
N HIS B 204 9.58 11.66 15.05
CA HIS B 204 9.26 10.69 14.01
C HIS B 204 8.68 9.42 14.64
N ASN B 205 7.56 8.95 14.09
CA ASN B 205 6.93 7.74 14.59
C ASN B 205 7.04 6.63 13.54
N GLN B 206 7.75 5.57 13.88
CA GLN B 206 7.94 4.44 12.97
C GLN B 206 6.65 3.69 12.66
N TRP B 207 5.86 3.42 13.70
CA TRP B 207 4.62 2.68 13.54
C TRP B 207 3.41 3.38 14.12
N THR B 208 2.24 3.03 13.58
CA THR B 208 0.99 3.55 14.08
C THR B 208 0.07 2.35 14.30
N LEU B 209 -0.40 2.18 15.53
CA LEU B 209 -1.32 1.10 15.83
C LEU B 209 -2.72 1.63 15.59
N ALA B 210 -3.46 0.96 14.70
CA ALA B 210 -4.82 1.37 14.39
C ALA B 210 -5.79 0.25 14.75
N VAL B 211 -6.87 0.62 15.44
CA VAL B 211 -7.91 -0.33 15.85
C VAL B 211 -9.21 0.26 15.31
N ILE B 212 -9.76 -0.38 14.29
CA ILE B 212 -10.97 0.13 13.65
C ILE B 212 -12.12 -0.88 13.59
N PRO B 213 -13.30 -0.46 14.09
CA PRO B 213 -14.46 -1.36 14.05
C PRO B 213 -15.08 -1.41 12.65
N VAL B 214 -14.73 -2.44 11.89
CA VAL B 214 -15.28 -2.58 10.54
C VAL B 214 -16.72 -3.09 10.65
N VAL B 215 -16.97 -3.90 11.66
CA VAL B 215 -18.32 -4.40 11.93
C VAL B 215 -18.61 -3.82 13.31
N PRO B 216 -19.63 -2.94 13.40
CA PRO B 216 -19.99 -2.31 14.67
C PRO B 216 -20.42 -3.26 15.79
N LEU B 217 -20.22 -2.80 17.01
CA LEU B 217 -20.58 -3.57 18.19
C LEU B 217 -22.10 -3.65 18.25
N GLY B 218 -22.63 -4.86 18.47
CA GLY B 218 -24.07 -5.01 18.54
C GLY B 218 -24.51 -6.20 19.38
N THR B 219 -25.67 -6.06 20.02
CA THR B 219 -26.24 -7.13 20.84
C THR B 219 -27.66 -6.75 21.22
N ARG B 220 -28.39 -7.72 21.75
CA ARG B 220 -29.74 -7.47 22.22
C ARG B 220 -29.83 -7.87 23.69
N THR B 221 -28.67 -8.17 24.28
CA THR B 221 -28.61 -8.54 25.70
C THR B 221 -28.32 -7.29 26.52
N MET B 222 -28.12 -7.48 27.82
CA MET B 222 -27.82 -6.37 28.72
C MET B 222 -26.70 -5.49 28.18
N SER B 223 -26.97 -4.19 28.08
CA SER B 223 -25.96 -3.26 27.58
C SER B 223 -24.90 -2.99 28.66
N SER B 224 -23.64 -3.13 28.29
CA SER B 224 -22.52 -2.89 29.20
C SER B 224 -21.43 -2.10 28.47
N VAL B 225 -20.59 -1.41 29.23
CA VAL B 225 -19.48 -0.67 28.64
C VAL B 225 -18.46 -1.71 28.18
N VAL B 226 -18.15 -1.71 26.89
CA VAL B 226 -17.18 -2.64 26.34
C VAL B 226 -15.90 -1.88 26.00
N PRO B 227 -14.87 -2.03 26.83
CA PRO B 227 -13.61 -1.33 26.59
C PRO B 227 -12.67 -2.05 25.63
N ILE B 228 -11.72 -1.29 25.11
CA ILE B 228 -10.67 -1.82 24.25
C ILE B 228 -9.43 -1.32 24.96
N THR B 229 -8.50 -2.23 25.25
CA THR B 229 -7.29 -1.87 25.95
C THR B 229 -6.05 -2.25 25.16
N VAL B 230 -5.06 -1.37 25.21
CA VAL B 230 -3.81 -1.58 24.49
C VAL B 230 -2.61 -1.68 25.44
N SER B 231 -1.84 -2.75 25.30
CA SER B 231 -0.64 -2.95 26.11
C SER B 231 0.50 -3.08 25.12
N ILE B 232 1.57 -2.29 25.33
CA ILE B 232 2.70 -2.31 24.42
C ILE B 232 4.02 -2.47 25.13
N ALA B 233 4.84 -3.42 24.67
CA ALA B 233 6.13 -3.65 25.26
C ALA B 233 7.28 -3.39 24.29
N PRO B 234 8.10 -2.37 24.57
CA PRO B 234 9.22 -2.09 23.67
C PRO B 234 10.12 -3.34 23.74
N MET B 235 10.86 -3.62 22.69
CA MET B 235 11.74 -4.78 22.66
C MET B 235 13.13 -4.44 22.14
N CYS B 236 14.15 -4.96 22.80
CA CYS B 236 15.54 -4.71 22.42
C CYS B 236 15.82 -3.21 22.31
N CYS B 237 15.46 -2.46 23.34
CA CYS B 237 15.68 -1.02 23.37
C CYS B 237 17.17 -0.67 23.47
N GLU B 238 17.56 0.33 22.70
CA GLU B 238 18.93 0.84 22.67
C GLU B 238 18.81 2.36 22.57
N PHE B 239 19.69 3.07 23.28
CA PHE B 239 19.68 4.54 23.26
C PHE B 239 21.12 5.05 23.12
N ASN B 240 21.29 6.10 22.33
CA ASN B 240 22.59 6.72 22.09
C ASN B 240 22.43 8.24 22.18
N GLY B 241 23.56 8.95 22.28
CA GLY B 241 23.51 10.41 22.35
C GLY B 241 22.95 10.95 23.65
N LEU B 242 23.55 10.51 24.76
CA LEU B 242 23.12 10.94 26.09
C LEU B 242 23.38 12.43 26.35
N ARG B 243 22.43 13.08 27.01
CA ARG B 243 22.53 14.48 27.39
C ARG B 243 21.49 14.75 28.47
N HIS B 244 21.00 15.98 28.55
CA HIS B 244 19.98 16.31 29.55
C HIS B 244 18.60 15.96 29.02
N ALA B 245 17.61 15.94 29.88
CA ALA B 245 16.24 15.60 29.48
C ALA B 245 15.52 16.72 28.76
N ILE B 246 14.81 16.35 27.70
CA ILE B 246 14.03 17.31 26.93
C ILE B 246 12.59 17.22 27.43
N GLY C 1 38.44 5.44 -39.01
CA GLY C 1 37.41 5.13 -37.98
C GLY C 1 36.54 3.97 -38.38
N VAL C 2 35.48 3.74 -37.61
CA VAL C 2 34.55 2.65 -37.89
C VAL C 2 33.41 3.14 -38.77
N PRO C 3 33.17 2.48 -39.91
CA PRO C 3 32.07 2.90 -40.78
C PRO C 3 30.76 2.49 -40.12
N THR C 4 29.82 3.42 -40.04
CA THR C 4 28.52 3.12 -39.41
C THR C 4 27.37 3.80 -40.15
N TYR C 5 26.15 3.47 -39.75
CA TYR C 5 24.96 4.08 -40.32
C TYR C 5 23.86 4.05 -39.28
N LEU C 6 23.07 5.13 -39.23
CA LEU C 6 21.99 5.23 -38.27
C LEU C 6 20.73 4.53 -38.75
N LEU C 7 20.11 3.79 -37.83
CA LEU C 7 18.90 3.04 -38.12
C LEU C 7 17.64 3.82 -37.75
N PRO C 8 16.50 3.41 -38.30
CA PRO C 8 15.26 4.11 -37.95
C PRO C 8 15.16 3.92 -36.43
N GLY C 9 14.66 4.91 -35.72
CA GLY C 9 14.57 4.79 -34.27
C GLY C 9 15.69 5.59 -33.61
N SER C 10 16.72 5.91 -34.40
CA SER C 10 17.84 6.68 -33.88
C SER C 10 17.40 8.05 -33.38
N GLY C 11 17.85 8.41 -32.18
CA GLY C 11 17.49 9.70 -31.60
C GLY C 11 16.18 9.75 -30.84
N GLN C 12 15.35 8.72 -30.96
CA GLN C 12 14.06 8.75 -30.26
C GLN C 12 14.20 8.52 -28.77
N PHE C 13 13.19 8.94 -28.02
CA PHE C 13 13.14 8.75 -26.58
C PHE C 13 11.92 7.88 -26.28
N LEU C 14 12.18 6.58 -26.05
CA LEU C 14 11.14 5.61 -25.72
C LEU C 14 11.15 5.50 -24.20
N THR C 15 10.02 5.78 -23.56
CA THR C 15 9.93 5.76 -22.11
C THR C 15 10.18 4.40 -21.47
N THR C 16 10.10 3.34 -22.27
CA THR C 16 10.34 2.00 -21.75
C THR C 16 11.70 1.46 -22.20
N ASP C 17 12.56 2.33 -22.74
CA ASP C 17 13.88 1.86 -23.20
C ASP C 17 14.72 1.46 -21.99
N ASP C 18 15.81 0.73 -22.23
CA ASP C 18 16.67 0.29 -21.14
C ASP C 18 18.14 0.38 -21.52
N HIS C 19 18.77 1.49 -21.14
CA HIS C 19 20.17 1.72 -21.46
C HIS C 19 20.89 2.35 -20.26
N SER C 20 22.21 2.35 -20.32
CA SER C 20 22.99 2.98 -19.27
C SER C 20 23.05 4.45 -19.67
N SER C 21 23.36 5.33 -18.74
CA SER C 21 23.46 6.75 -19.05
C SER C 21 24.48 7.42 -18.14
N ALA C 22 25.01 8.55 -18.59
CA ALA C 22 26.03 9.29 -17.87
C ALA C 22 25.77 9.58 -16.40
N PRO C 23 26.71 9.17 -15.53
CA PRO C 23 26.54 9.43 -14.09
C PRO C 23 26.74 10.92 -13.81
N VAL C 24 25.74 11.54 -13.20
CA VAL C 24 25.80 12.96 -12.88
C VAL C 24 26.89 13.29 -11.86
N LEU C 25 27.02 12.44 -10.86
CA LEU C 25 28.02 12.64 -9.80
C LEU C 25 29.05 11.53 -9.83
N PRO C 26 30.16 11.75 -10.53
CA PRO C 26 31.20 10.70 -10.58
C PRO C 26 31.81 10.44 -9.21
N CYS C 27 32.17 9.18 -8.98
CA CYS C 27 32.79 8.76 -7.72
C CYS C 27 31.89 8.90 -6.49
N PHE C 28 30.58 9.02 -6.71
CA PHE C 28 29.64 9.14 -5.61
C PHE C 28 29.51 7.77 -4.92
N ASN C 29 29.52 7.76 -3.59
CA ASN C 29 29.40 6.52 -2.83
C ASN C 29 28.04 6.46 -2.12
N PRO C 30 27.09 5.71 -2.69
CA PRO C 30 25.74 5.58 -2.11
C PRO C 30 25.76 5.05 -0.68
N THR C 31 24.77 5.44 0.11
CA THR C 31 24.67 4.98 1.49
C THR C 31 24.61 3.46 1.52
N PRO C 32 25.36 2.82 2.44
CA PRO C 32 25.36 1.37 2.55
C PRO C 32 23.94 0.83 2.72
N GLU C 33 23.68 -0.35 2.17
CA GLU C 33 22.37 -0.95 2.31
C GLU C 33 22.22 -1.45 3.74
N MET C 34 21.00 -1.47 4.23
CA MET C 34 20.68 -1.94 5.57
C MET C 34 19.48 -2.85 5.41
N HIS C 35 19.42 -3.91 6.21
CA HIS C 35 18.27 -4.79 6.11
C HIS C 35 17.04 -4.04 6.58
N ILE C 36 15.96 -4.12 5.81
CA ILE C 36 14.71 -3.47 6.16
C ILE C 36 13.62 -4.53 6.00
N PRO C 37 12.72 -4.64 6.98
CA PRO C 37 11.63 -5.62 6.92
C PRO C 37 10.66 -5.36 5.76
N GLY C 38 10.02 -6.43 5.28
CA GLY C 38 9.04 -6.31 4.22
C GLY C 38 9.44 -6.01 2.78
N GLN C 39 10.60 -6.49 2.35
CA GLN C 39 11.00 -6.24 0.97
C GLN C 39 10.09 -6.99 0.01
N ILE C 40 9.70 -6.33 -1.09
CA ILE C 40 8.86 -6.95 -2.09
C ILE C 40 9.61 -6.88 -3.42
N ARG C 41 9.67 -7.99 -4.13
CA ARG C 41 10.40 -8.06 -5.38
C ARG C 41 9.53 -8.25 -6.63
N ASN C 42 8.33 -8.81 -6.45
CA ASN C 42 7.43 -9.01 -7.58
C ASN C 42 6.04 -8.59 -7.10
N MET C 43 5.37 -7.77 -7.90
CA MET C 43 4.04 -7.30 -7.52
C MET C 43 3.04 -8.44 -7.29
N LEU C 44 3.35 -9.62 -7.82
CA LEU C 44 2.46 -10.76 -7.61
C LEU C 44 2.40 -11.14 -6.13
N GLU C 45 3.43 -10.76 -5.38
CA GLU C 45 3.48 -11.03 -3.94
C GLU C 45 2.41 -10.22 -3.22
N MET C 46 2.19 -9.00 -3.69
CA MET C 46 1.22 -8.09 -3.11
C MET C 46 -0.23 -8.52 -3.34
N ILE C 47 -0.55 -8.97 -4.55
CA ILE C 47 -1.92 -9.37 -4.85
C ILE C 47 -2.35 -10.70 -4.24
N GLN C 48 -1.41 -11.43 -3.63
CA GLN C 48 -1.74 -12.70 -3.00
C GLN C 48 -2.28 -12.47 -1.58
N VAL C 49 -2.23 -11.22 -1.13
CA VAL C 49 -2.74 -10.87 0.19
C VAL C 49 -4.21 -10.52 0.00
N GLU C 50 -5.09 -11.12 0.78
CA GLU C 50 -6.51 -10.83 0.61
C GLU C 50 -6.88 -9.48 1.21
N SER C 51 -7.80 -8.78 0.54
CA SER C 51 -8.26 -7.47 0.98
C SER C 51 -9.78 -7.43 0.83
N MET C 52 -10.41 -6.48 1.51
CA MET C 52 -11.87 -6.37 1.53
C MET C 52 -12.56 -5.93 0.25
N MET C 53 -13.57 -6.70 -0.15
CA MET C 53 -14.38 -6.39 -1.33
C MET C 53 -15.49 -5.43 -0.89
N GLU C 54 -15.80 -4.46 -1.74
CA GLU C 54 -16.87 -3.51 -1.41
C GLU C 54 -18.15 -4.05 -2.04
N ILE C 55 -18.68 -5.11 -1.43
CA ILE C 55 -19.88 -5.78 -1.90
C ILE C 55 -21.16 -4.97 -1.77
N ASN C 56 -21.26 -4.19 -0.70
CA ASN C 56 -22.44 -3.37 -0.48
C ASN C 56 -22.27 -1.97 -1.09
N ASN C 57 -21.95 -1.93 -2.38
CA ASN C 57 -21.76 -0.67 -3.08
C ASN C 57 -23.12 -0.18 -3.58
N THR C 58 -23.94 0.27 -2.63
CA THR C 58 -25.28 0.75 -2.94
C THR C 58 -25.57 2.12 -2.35
N ASP C 59 -26.51 2.84 -2.96
CA ASP C 59 -26.87 4.16 -2.47
C ASP C 59 -27.47 3.97 -1.08
N GLY C 60 -27.04 4.78 -0.12
CA GLY C 60 -27.55 4.66 1.23
C GLY C 60 -26.51 4.02 2.13
N ALA C 61 -25.58 3.30 1.53
CA ALA C 61 -24.50 2.66 2.28
C ALA C 61 -23.33 3.63 2.21
N ASN C 62 -22.89 4.14 3.37
CA ASN C 62 -21.80 5.09 3.40
C ASN C 62 -20.55 4.59 4.10
N GLY C 63 -19.41 4.89 3.49
CA GLY C 63 -18.13 4.49 4.06
C GLY C 63 -17.99 3.01 4.31
N MET C 64 -17.59 2.65 5.52
CA MET C 64 -17.38 1.27 5.88
C MET C 64 -18.61 0.37 5.81
N GLU C 65 -19.80 0.97 5.76
CA GLU C 65 -21.03 0.18 5.65
C GLU C 65 -20.99 -0.56 4.32
N ARG C 66 -20.24 -0.02 3.37
CA ARG C 66 -20.13 -0.62 2.05
C ARG C 66 -19.23 -1.85 2.04
N LEU C 67 -18.43 -2.01 3.10
CA LEU C 67 -17.49 -3.12 3.18
C LEU C 67 -18.01 -4.38 3.87
N ARG C 68 -19.28 -4.36 4.26
CA ARG C 68 -19.84 -5.53 4.92
C ARG C 68 -21.23 -5.81 4.38
N VAL C 69 -21.58 -7.09 4.31
CA VAL C 69 -22.89 -7.51 3.82
C VAL C 69 -23.69 -8.05 5.00
N ASP C 70 -24.81 -7.40 5.29
CA ASP C 70 -25.65 -7.81 6.40
C ASP C 70 -26.63 -8.90 6.00
N ILE C 71 -26.71 -9.95 6.80
CA ILE C 71 -27.65 -11.02 6.54
C ILE C 71 -28.59 -11.12 7.75
N SER C 72 -29.86 -11.38 7.48
CA SER C 72 -30.84 -11.48 8.55
C SER C 72 -31.51 -12.83 8.58
N VAL C 73 -32.17 -13.12 9.69
CA VAL C 73 -32.92 -14.36 9.86
C VAL C 73 -34.03 -14.27 8.82
N GLN C 74 -34.13 -15.28 7.97
CA GLN C 74 -35.14 -15.30 6.91
C GLN C 74 -36.46 -15.94 7.33
N ALA C 75 -37.52 -15.56 6.63
CA ALA C 75 -38.84 -16.12 6.88
C ALA C 75 -39.11 -17.17 5.79
N ASP C 76 -38.45 -17.04 4.66
CA ASP C 76 -38.62 -17.99 3.56
C ASP C 76 -37.38 -18.84 3.37
N LEU C 77 -37.50 -19.91 2.59
CA LEU C 77 -36.40 -20.84 2.35
C LEU C 77 -35.57 -20.54 1.10
N ASP C 78 -34.37 -21.13 1.06
CA ASP C 78 -33.44 -21.00 -0.07
C ASP C 78 -33.23 -19.57 -0.58
N GLN C 79 -33.31 -18.58 0.30
CA GLN C 79 -33.16 -17.18 -0.10
C GLN C 79 -31.82 -16.71 -0.65
N LEU C 80 -31.88 -15.91 -1.72
CA LEU C 80 -30.70 -15.32 -2.34
C LEU C 80 -30.32 -14.18 -1.41
N LEU C 81 -29.04 -14.09 -1.05
CA LEU C 81 -28.58 -13.03 -0.16
C LEU C 81 -27.85 -11.91 -0.90
N PHE C 82 -27.01 -12.27 -1.86
CA PHE C 82 -26.28 -11.27 -2.63
C PHE C 82 -25.49 -11.92 -3.74
N ASN C 83 -25.05 -11.12 -4.71
CA ASN C 83 -24.22 -11.64 -5.78
C ASN C 83 -23.06 -10.65 -5.95
N ILE C 84 -22.05 -11.04 -6.71
CA ILE C 84 -20.88 -10.20 -6.91
C ILE C 84 -20.37 -10.25 -8.34
N PRO C 85 -20.33 -9.11 -9.04
CA PRO C 85 -19.82 -9.11 -10.42
C PRO C 85 -18.32 -9.41 -10.31
N LEU C 86 -17.79 -10.19 -11.25
CA LEU C 86 -16.40 -10.60 -11.17
C LEU C 86 -15.29 -9.98 -12.03
N ASP C 87 -15.56 -8.95 -12.81
CA ASP C 87 -14.47 -8.42 -13.63
C ASP C 87 -13.52 -7.54 -12.82
N ILE C 88 -12.39 -8.13 -12.41
CA ILE C 88 -11.40 -7.41 -11.63
C ILE C 88 -10.73 -6.32 -12.44
N GLN C 89 -11.26 -6.09 -13.65
CA GLN C 89 -10.72 -5.08 -14.55
C GLN C 89 -11.72 -3.94 -14.75
N LEU C 90 -12.87 -4.04 -14.12
CA LEU C 90 -13.91 -2.99 -14.24
C LEU C 90 -14.36 -2.53 -12.87
N ASP C 91 -15.09 -1.41 -12.80
CA ASP C 91 -15.53 -0.92 -11.50
C ASP C 91 -16.59 -1.83 -10.92
N GLY C 92 -16.43 -2.14 -9.63
CA GLY C 92 -17.35 -3.01 -8.95
C GLY C 92 -16.73 -3.38 -7.62
N PRO C 93 -17.38 -4.24 -6.84
CA PRO C 93 -16.87 -4.67 -5.54
C PRO C 93 -15.41 -5.11 -5.51
N LEU C 94 -14.88 -5.58 -6.63
CA LEU C 94 -13.50 -6.06 -6.67
C LEU C 94 -12.44 -5.04 -7.08
N ARG C 95 -12.86 -3.89 -7.57
CA ARG C 95 -11.90 -2.88 -8.04
C ARG C 95 -10.94 -2.31 -7.01
N ASN C 96 -11.44 -1.91 -5.85
CA ASN C 96 -10.53 -1.34 -4.84
C ASN C 96 -10.02 -2.39 -3.87
N THR C 97 -9.30 -3.37 -4.40
CA THR C 97 -8.70 -4.42 -3.59
C THR C 97 -7.24 -4.46 -4.03
N LEU C 98 -6.40 -5.17 -3.30
CA LEU C 98 -5.00 -5.24 -3.69
C LEU C 98 -4.89 -5.87 -5.08
N VAL C 99 -5.55 -7.01 -5.29
CA VAL C 99 -5.48 -7.66 -6.58
C VAL C 99 -6.13 -6.79 -7.68
N GLY C 100 -7.25 -6.16 -7.36
CA GLY C 100 -7.90 -5.31 -8.35
C GLY C 100 -7.08 -4.08 -8.75
N ASN C 101 -6.56 -3.36 -7.77
CA ASN C 101 -5.77 -2.16 -8.04
C ASN C 101 -4.51 -2.43 -8.85
N ILE C 102 -3.75 -3.47 -8.46
CA ILE C 102 -2.53 -3.79 -9.17
C ILE C 102 -2.82 -4.35 -10.56
N SER C 103 -3.86 -5.18 -10.66
CA SER C 103 -4.23 -5.76 -11.95
C SER C 103 -4.61 -4.67 -12.95
N ARG C 104 -5.20 -3.58 -12.46
CA ARG C 104 -5.61 -2.50 -13.36
C ARG C 104 -4.44 -1.67 -13.90
N TYR C 105 -3.22 -2.06 -13.54
CA TYR C 105 -2.02 -1.41 -14.07
C TYR C 105 -1.58 -2.30 -15.24
N TYR C 106 -2.36 -3.36 -15.48
CA TYR C 106 -2.08 -4.29 -16.56
C TYR C 106 -3.31 -4.49 -17.42
N THR C 107 -3.16 -5.23 -18.52
CA THR C 107 -4.27 -5.45 -19.44
C THR C 107 -4.71 -6.90 -19.55
N HIS C 108 -3.77 -7.81 -19.35
CA HIS C 108 -4.04 -9.24 -19.43
C HIS C 108 -3.83 -9.90 -18.08
N TRP C 109 -4.66 -10.90 -17.77
CA TRP C 109 -4.51 -11.62 -16.51
C TRP C 109 -4.93 -13.08 -16.65
N SER C 110 -4.37 -13.91 -15.79
CA SER C 110 -4.65 -15.33 -15.78
C SER C 110 -4.37 -15.87 -14.38
N GLY C 111 -5.16 -16.85 -13.94
CA GLY C 111 -4.94 -17.41 -12.62
C GLY C 111 -6.20 -17.54 -11.79
N SER C 112 -6.10 -18.30 -10.72
CA SER C 112 -7.23 -18.51 -9.83
C SER C 112 -7.33 -17.40 -8.81
N LEU C 113 -8.56 -17.09 -8.42
CA LEU C 113 -8.82 -16.06 -7.41
C LEU C 113 -9.43 -16.82 -6.24
N GLU C 114 -9.36 -16.23 -5.05
CA GLU C 114 -9.95 -16.85 -3.88
C GLU C 114 -10.73 -15.82 -3.10
N MET C 115 -11.95 -16.16 -2.74
CA MET C 115 -12.80 -15.27 -1.95
C MET C 115 -12.99 -15.91 -0.59
N THR C 116 -12.68 -15.16 0.45
CA THR C 116 -12.83 -15.66 1.81
C THR C 116 -13.83 -14.76 2.52
N PHE C 117 -14.79 -15.36 3.19
CA PHE C 117 -15.79 -14.61 3.93
C PHE C 117 -15.67 -14.93 5.40
N MET C 118 -15.70 -13.90 6.23
CA MET C 118 -15.62 -14.08 7.67
C MET C 118 -16.97 -13.70 8.26
N PHE C 119 -17.58 -14.61 9.02
CA PHE C 119 -18.86 -14.34 9.64
C PHE C 119 -18.59 -13.57 10.92
N CYS C 120 -19.25 -12.43 11.08
CA CYS C 120 -19.03 -11.58 12.25
C CYS C 120 -20.24 -11.42 13.17
N GLY C 121 -21.08 -12.44 13.22
CA GLY C 121 -22.24 -12.39 14.10
C GLY C 121 -21.77 -12.80 15.49
N SER C 122 -22.70 -13.03 16.41
CA SER C 122 -22.31 -13.43 17.77
C SER C 122 -22.02 -14.92 17.80
N PHE C 123 -21.40 -15.38 18.88
CA PHE C 123 -21.07 -16.79 19.03
C PHE C 123 -22.32 -17.67 19.00
N MET C 124 -23.41 -17.18 19.59
CA MET C 124 -24.65 -17.95 19.65
C MET C 124 -25.39 -18.05 18.32
N ALA C 125 -24.92 -17.34 17.30
CA ALA C 125 -25.55 -17.37 15.99
C ALA C 125 -25.03 -18.53 15.15
N THR C 126 -25.92 -19.24 14.47
CA THR C 126 -25.51 -20.35 13.63
C THR C 126 -26.10 -20.19 12.24
N GLY C 127 -25.62 -21.00 11.31
CA GLY C 127 -26.13 -20.91 9.95
C GLY C 127 -25.27 -21.62 8.94
N LYS C 128 -25.86 -21.86 7.77
CA LYS C 128 -25.15 -22.49 6.66
C LYS C 128 -25.47 -21.69 5.41
N LEU C 129 -24.43 -21.35 4.66
CA LEU C 129 -24.61 -20.60 3.42
C LEU C 129 -23.96 -21.38 2.28
N ILE C 130 -24.35 -21.07 1.06
CA ILE C 130 -23.74 -21.72 -0.08
C ILE C 130 -23.22 -20.60 -0.98
N LEU C 131 -21.93 -20.67 -1.31
CA LEU C 131 -21.30 -19.67 -2.16
C LEU C 131 -21.04 -20.35 -3.50
N CYS C 132 -21.55 -19.74 -4.57
CA CYS C 132 -21.40 -20.34 -5.89
C CYS C 132 -20.71 -19.49 -6.95
N TYR C 133 -19.83 -20.13 -7.71
CA TYR C 133 -19.15 -19.47 -8.82
C TYR C 133 -19.73 -20.10 -10.07
N THR C 134 -20.31 -19.27 -10.93
CA THR C 134 -20.91 -19.73 -12.16
C THR C 134 -20.08 -19.28 -13.36
N PRO C 135 -19.45 -20.24 -14.07
CA PRO C 135 -18.65 -19.85 -15.24
C PRO C 135 -19.57 -19.12 -16.22
N PRO C 136 -19.00 -18.25 -17.07
CA PRO C 136 -19.79 -17.48 -18.04
C PRO C 136 -20.61 -18.22 -19.09
N GLY C 137 -21.48 -17.48 -19.76
CA GLY C 137 -22.30 -18.06 -20.79
C GLY C 137 -23.73 -17.56 -20.73
N GLY C 138 -24.29 -17.50 -19.54
CA GLY C 138 -25.66 -17.04 -19.43
C GLY C 138 -25.90 -15.91 -18.45
N SER C 139 -27.15 -15.79 -18.04
CA SER C 139 -27.59 -14.77 -17.11
C SER C 139 -27.25 -15.25 -15.69
N CYS C 140 -27.03 -14.31 -14.78
CA CYS C 140 -26.71 -14.65 -13.40
C CYS C 140 -27.84 -15.43 -12.74
N PRO C 141 -27.54 -16.58 -12.11
CA PRO C 141 -28.58 -17.36 -11.45
C PRO C 141 -29.26 -16.60 -10.33
N THR C 142 -30.57 -16.80 -10.18
CA THR C 142 -31.35 -16.11 -9.17
C THR C 142 -31.99 -17.08 -8.18
N THR C 143 -31.79 -18.38 -8.40
CA THR C 143 -32.34 -19.40 -7.51
C THR C 143 -31.22 -20.34 -7.12
N ARG C 144 -31.28 -20.88 -5.90
CA ARG C 144 -30.25 -21.77 -5.42
C ARG C 144 -30.13 -23.04 -6.26
N GLU C 145 -31.26 -23.57 -6.73
CA GLU C 145 -31.27 -24.78 -7.54
C GLU C 145 -30.44 -24.63 -8.82
N THR C 146 -30.33 -23.40 -9.30
CA THR C 146 -29.56 -23.13 -10.49
C THR C 146 -28.09 -22.84 -10.14
N ALA C 147 -27.89 -21.98 -9.16
CA ALA C 147 -26.52 -21.60 -8.74
C ALA C 147 -25.72 -22.81 -8.27
N MET C 148 -26.40 -23.69 -7.54
CA MET C 148 -25.83 -24.90 -6.97
C MET C 148 -25.18 -25.83 -8.02
N LEU C 149 -25.53 -25.66 -9.29
CA LEU C 149 -24.98 -26.47 -10.36
C LEU C 149 -23.55 -26.08 -10.74
N GLY C 150 -23.12 -24.91 -10.27
CA GLY C 150 -21.77 -24.44 -10.58
C GLY C 150 -20.79 -24.82 -9.48
N THR C 151 -19.60 -24.21 -9.54
CA THR C 151 -18.56 -24.47 -8.54
C THR C 151 -19.05 -23.86 -7.24
N HIS C 152 -18.95 -24.58 -6.13
CA HIS C 152 -19.42 -24.02 -4.87
C HIS C 152 -18.86 -24.66 -3.61
N ILE C 153 -19.15 -23.98 -2.50
CA ILE C 153 -18.74 -24.43 -1.18
C ILE C 153 -19.90 -24.15 -0.22
N VAL C 154 -20.29 -25.16 0.56
CA VAL C 154 -21.36 -24.98 1.54
C VAL C 154 -20.62 -24.66 2.84
N TRP C 155 -20.95 -23.51 3.41
CA TRP C 155 -20.31 -23.01 4.61
C TRP C 155 -21.14 -23.15 5.89
N ASP C 156 -20.54 -23.81 6.88
CA ASP C 156 -21.18 -24.01 8.18
C ASP C 156 -20.50 -23.07 9.20
N PHE C 157 -21.26 -22.17 9.80
CA PHE C 157 -20.70 -21.24 10.78
C PHE C 157 -20.23 -22.03 12.00
N GLY C 158 -19.07 -21.65 12.54
CA GLY C 158 -18.54 -22.35 13.71
C GLY C 158 -17.25 -21.72 14.22
N LEU C 159 -16.48 -22.48 14.99
CA LEU C 159 -15.23 -21.95 15.53
C LEU C 159 -14.35 -21.36 14.43
N GLN C 160 -14.14 -22.11 13.34
CA GLN C 160 -13.35 -21.57 12.23
C GLN C 160 -14.34 -20.58 11.62
N SER C 161 -14.05 -19.29 11.79
CA SER C 161 -14.93 -18.22 11.33
C SER C 161 -15.03 -17.93 9.84
N SER C 162 -14.07 -18.40 9.06
CA SER C 162 -14.08 -18.08 7.64
C SER C 162 -14.09 -19.24 6.67
N ILE C 163 -14.68 -19.00 5.50
CA ILE C 163 -14.75 -20.01 4.46
C ILE C 163 -14.11 -19.43 3.21
N THR C 164 -13.54 -20.29 2.38
CA THR C 164 -12.92 -19.85 1.15
C THR C 164 -13.58 -20.50 -0.06
N LEU C 165 -13.97 -19.66 -1.02
CA LEU C 165 -14.54 -20.12 -2.27
C LEU C 165 -13.44 -19.88 -3.28
N ILE C 166 -12.95 -20.95 -3.92
CA ILE C 166 -11.92 -20.77 -4.93
C ILE C 166 -12.60 -20.52 -6.27
N ILE C 167 -12.14 -19.50 -6.98
CA ILE C 167 -12.66 -19.21 -8.31
C ILE C 167 -11.53 -19.69 -9.20
N PRO C 168 -11.56 -20.98 -9.55
CA PRO C 168 -10.52 -21.57 -10.39
C PRO C 168 -10.43 -20.91 -11.75
N TRP C 169 -9.21 -20.86 -12.28
CA TRP C 169 -9.02 -20.29 -13.59
C TRP C 169 -9.66 -21.23 -14.60
N ILE C 170 -10.80 -20.80 -15.15
CA ILE C 170 -11.49 -21.59 -16.15
C ILE C 170 -11.73 -20.62 -17.29
N SER C 171 -10.91 -20.77 -18.32
CA SER C 171 -10.95 -19.90 -19.48
C SER C 171 -10.51 -20.69 -20.70
N GLY C 172 -11.05 -20.33 -21.86
CA GLY C 172 -10.65 -21.02 -23.07
C GLY C 172 -9.25 -20.57 -23.47
N SER C 173 -9.03 -19.27 -23.39
CA SER C 173 -7.74 -18.66 -23.73
C SER C 173 -6.80 -18.64 -22.53
N HIS C 174 -5.50 -18.59 -22.79
CA HIS C 174 -4.51 -18.54 -21.72
C HIS C 174 -4.75 -17.35 -20.79
N TYR C 175 -5.09 -16.20 -21.37
CA TYR C 175 -5.35 -14.99 -20.59
C TYR C 175 -6.69 -14.38 -20.93
N ARG C 176 -7.19 -13.58 -19.99
CA ARG C 176 -8.42 -12.83 -20.19
C ARG C 176 -7.89 -11.40 -20.31
N MET C 177 -8.70 -10.49 -20.84
CA MET C 177 -8.23 -9.12 -21.00
C MET C 177 -9.31 -8.08 -20.75
N PHE C 178 -8.87 -6.84 -20.59
CA PHE C 178 -9.78 -5.72 -20.40
C PHE C 178 -9.88 -5.00 -21.74
N ASN C 179 -11.08 -4.54 -22.09
CA ASN C 179 -11.28 -3.81 -23.33
C ASN C 179 -12.51 -2.92 -23.17
N SER C 180 -12.88 -2.72 -21.91
CA SER C 180 -14.02 -1.90 -21.49
C SER C 180 -15.39 -2.49 -21.86
N ASP C 181 -15.41 -3.69 -22.42
CA ASP C 181 -16.66 -4.35 -22.75
C ASP C 181 -16.82 -5.53 -21.80
N ALA C 182 -17.63 -5.34 -20.76
CA ALA C 182 -17.86 -6.37 -19.75
C ALA C 182 -18.47 -7.67 -20.27
N LYS C 183 -19.12 -7.63 -21.43
CA LYS C 183 -19.75 -8.81 -21.98
C LYS C 183 -18.92 -9.53 -23.05
N SER C 184 -17.69 -9.08 -23.24
CA SER C 184 -16.79 -9.68 -24.22
C SER C 184 -16.43 -11.11 -23.81
N THR C 185 -16.30 -12.01 -24.79
CA THR C 185 -15.96 -13.41 -24.47
C THR C 185 -14.57 -13.57 -23.87
N ASN C 186 -13.72 -12.55 -24.01
CA ASN C 186 -12.38 -12.62 -23.46
C ASN C 186 -12.25 -11.84 -22.17
N ALA C 187 -13.38 -11.38 -21.63
CA ALA C 187 -13.34 -10.60 -20.41
C ALA C 187 -14.23 -11.14 -19.29
N ASN C 188 -15.48 -11.47 -19.61
CA ASN C 188 -16.42 -11.95 -18.61
C ASN C 188 -15.96 -13.21 -17.89
N VAL C 189 -15.91 -13.13 -16.56
CA VAL C 189 -15.45 -14.24 -15.73
C VAL C 189 -16.58 -15.12 -15.22
N GLY C 190 -17.80 -14.58 -15.22
CA GLY C 190 -18.93 -15.33 -14.73
C GLY C 190 -19.51 -14.61 -13.52
N TYR C 191 -20.13 -15.35 -12.60
CA TYR C 191 -20.73 -14.73 -11.42
C TYR C 191 -20.50 -15.47 -10.12
N VAL C 192 -20.66 -14.75 -9.02
CA VAL C 192 -20.57 -15.34 -7.70
C VAL C 192 -21.89 -14.96 -7.03
N THR C 193 -22.59 -15.95 -6.47
CA THR C 193 -23.85 -15.69 -5.79
C THR C 193 -23.82 -16.39 -4.44
N CYS C 194 -24.60 -15.87 -3.49
CA CYS C 194 -24.65 -16.45 -2.16
C CYS C 194 -26.11 -16.63 -1.72
N PHE C 195 -26.44 -17.84 -1.30
CA PHE C 195 -27.79 -18.15 -0.83
C PHE C 195 -27.73 -18.79 0.55
N MET C 196 -28.87 -18.79 1.24
CA MET C 196 -28.96 -19.45 2.52
C MET C 196 -28.97 -20.94 2.16
N GLN C 197 -28.20 -21.75 2.86
CA GLN C 197 -28.24 -23.20 2.59
C GLN C 197 -29.37 -23.66 3.52
N THR C 198 -29.36 -23.14 4.75
CA THR C 198 -30.41 -23.41 5.72
C THR C 198 -30.97 -22.04 6.10
N ASN C 199 -30.45 -21.43 7.15
CA ASN C 199 -30.90 -20.10 7.58
C ASN C 199 -30.01 -19.59 8.71
N LEU C 200 -30.02 -18.27 8.92
CA LEU C 200 -29.25 -17.68 10.01
C LEU C 200 -30.19 -17.84 11.20
N ILE C 201 -29.72 -18.47 12.27
CA ILE C 201 -30.57 -18.68 13.44
C ILE C 201 -29.86 -18.18 14.69
N VAL C 202 -30.54 -17.31 15.43
CA VAL C 202 -29.98 -16.73 16.64
C VAL C 202 -30.99 -16.67 17.78
N PRO C 203 -30.49 -16.65 19.03
CA PRO C 203 -31.36 -16.57 20.20
C PRO C 203 -31.84 -15.12 20.40
N SER C 204 -32.80 -14.94 21.29
CA SER C 204 -33.37 -13.63 21.58
C SER C 204 -32.39 -12.49 21.88
N GLU C 205 -31.33 -12.79 22.61
CA GLU C 205 -30.37 -11.75 22.98
C GLU C 205 -29.21 -11.50 22.04
N SER C 206 -29.15 -12.26 20.94
CA SER C 206 -28.12 -12.04 19.94
C SER C 206 -28.78 -11.14 18.89
N SER C 207 -27.98 -10.34 18.20
CA SER C 207 -28.52 -9.48 17.15
C SER C 207 -29.06 -10.42 16.07
N ASP C 208 -30.21 -10.10 15.48
CA ASP C 208 -30.77 -10.97 14.46
C ASP C 208 -30.38 -10.53 13.03
N THR C 209 -29.44 -9.60 12.95
CA THR C 209 -28.90 -9.14 11.67
C THR C 209 -27.39 -9.19 11.91
N CYS C 210 -26.69 -9.99 11.11
CA CYS C 210 -25.25 -10.13 11.25
C CYS C 210 -24.52 -9.76 9.97
N SER C 211 -23.24 -9.40 10.10
CA SER C 211 -22.47 -9.00 8.93
C SER C 211 -21.42 -10.02 8.52
N LEU C 212 -21.12 -10.02 7.22
CA LEU C 212 -20.08 -10.85 6.65
C LEU C 212 -19.11 -9.85 6.04
N ILE C 213 -17.83 -10.18 6.04
CA ILE C 213 -16.85 -9.33 5.40
C ILE C 213 -16.23 -10.24 4.35
N GLY C 214 -16.29 -9.82 3.09
CA GLY C 214 -15.73 -10.64 2.03
C GLY C 214 -14.36 -10.12 1.62
N PHE C 215 -13.43 -11.05 1.40
CA PHE C 215 -12.07 -10.71 0.98
C PHE C 215 -11.77 -11.44 -0.31
N ILE C 216 -10.82 -10.92 -1.08
CA ILE C 216 -10.41 -11.59 -2.30
C ILE C 216 -8.91 -11.44 -2.48
N ALA C 217 -8.31 -12.40 -3.17
CA ALA C 217 -6.88 -12.39 -3.42
C ALA C 217 -6.59 -13.33 -4.58
N ALA C 218 -5.41 -13.19 -5.17
CA ALA C 218 -4.99 -14.05 -6.25
C ALA C 218 -4.20 -15.19 -5.63
N LYS C 219 -4.15 -16.34 -6.30
CA LYS C 219 -3.38 -17.48 -5.83
C LYS C 219 -2.03 -17.36 -6.55
N ASP C 220 -1.07 -18.24 -6.24
CA ASP C 220 0.23 -18.13 -6.89
C ASP C 220 0.31 -18.68 -8.32
N ASP C 221 -0.84 -18.97 -8.93
CA ASP C 221 -0.86 -19.42 -10.31
C ASP C 221 -1.30 -18.23 -11.17
N PHE C 222 -1.22 -17.05 -10.59
CA PHE C 222 -1.63 -15.80 -11.24
C PHE C 222 -0.52 -15.18 -12.09
N SER C 223 -0.91 -14.45 -13.12
CA SER C 223 0.04 -13.80 -14.02
C SER C 223 -0.62 -12.54 -14.61
N LEU C 224 0.16 -11.46 -14.73
CA LEU C 224 -0.35 -10.20 -15.29
C LEU C 224 0.56 -9.75 -16.42
N ARG C 225 -0.02 -9.20 -17.49
CA ARG C 225 0.78 -8.73 -18.63
C ARG C 225 0.27 -7.43 -19.23
N LEU C 226 1.14 -6.79 -19.99
CA LEU C 226 0.85 -5.55 -20.73
C LEU C 226 0.48 -4.37 -19.85
N MET C 227 1.51 -3.76 -19.27
CA MET C 227 1.32 -2.63 -18.38
C MET C 227 0.71 -1.42 -19.06
N ARG C 228 -0.14 -0.72 -18.32
CA ARG C 228 -0.84 0.45 -18.83
C ARG C 228 -1.08 1.40 -17.67
N ASP C 229 -1.39 2.66 -17.99
CA ASP C 229 -1.67 3.65 -16.95
C ASP C 229 -2.96 3.22 -16.25
N SER C 230 -3.01 3.38 -14.94
CA SER C 230 -4.20 3.00 -14.19
C SER C 230 -5.32 4.01 -14.37
N PRO C 231 -6.56 3.53 -14.54
CA PRO C 231 -7.73 4.40 -14.72
C PRO C 231 -8.23 4.93 -13.38
N ASP C 232 -7.64 4.44 -12.29
CA ASP C 232 -8.09 4.83 -10.96
C ASP C 232 -7.54 6.14 -10.39
N ILE C 233 -6.73 6.85 -11.17
CA ILE C 233 -6.18 8.11 -10.71
C ILE C 233 -6.02 9.04 -11.92
N GLY C 234 -6.23 10.33 -11.72
CA GLY C 234 -6.10 11.28 -12.80
C GLY C 234 -6.10 12.71 -12.29
N GLN C 235 -5.71 13.66 -13.15
CA GLN C 235 -5.69 15.06 -12.74
C GLN C 235 -6.02 15.94 -13.92
N SER C 236 -6.71 17.04 -13.66
CA SER C 236 -7.08 17.97 -14.73
C SER C 236 -6.45 19.33 -14.48
N ASN C 237 -5.84 19.49 -13.30
CA ASN C 237 -5.18 20.73 -12.94
C ASN C 237 -3.89 20.44 -12.19
N HIS C 238 -3.11 21.49 -11.96
CA HIS C 238 -1.87 21.35 -11.22
C HIS C 238 -2.28 21.12 -9.78
N LEU C 239 -1.53 20.29 -9.07
CA LEU C 239 -1.87 20.06 -7.67
C LEU C 239 -1.44 21.31 -6.90
N HIS C 240 -2.06 21.53 -5.75
CA HIS C 240 -1.72 22.68 -4.93
C HIS C 240 -0.24 22.60 -4.56
N GLY C 241 0.46 23.72 -4.67
CA GLY C 241 1.87 23.76 -4.34
C GLY C 241 2.82 23.32 -5.44
N ALA C 242 2.30 22.71 -6.50
CA ALA C 242 3.16 22.26 -7.59
C ALA C 242 3.91 23.42 -8.22
N GLU C 243 3.19 24.51 -8.51
CA GLU C 243 3.80 25.67 -9.12
C GLU C 243 4.76 26.39 -8.18
N ALA C 244 4.53 26.25 -6.89
CA ALA C 244 5.38 26.88 -5.89
C ALA C 244 6.76 26.25 -5.86
N ALA C 245 6.89 25.04 -6.42
CA ALA C 245 8.18 24.36 -6.45
C ALA C 245 9.13 25.12 -7.39
N TYR C 246 8.57 26.04 -8.16
CA TYR C 246 9.35 26.85 -9.09
C TYR C 246 9.63 28.25 -8.53
N GLN C 247 9.16 28.49 -7.31
CA GLN C 247 9.36 29.80 -6.69
C GLN C 247 10.25 29.69 -5.45
N ASN D 30 28.18 -1.88 -19.41
CA ASN D 30 28.30 -0.49 -18.88
C ASN D 30 29.71 0.06 -19.11
N PHE D 31 29.82 1.05 -20.00
CA PHE D 31 31.11 1.66 -20.32
C PHE D 31 31.46 2.82 -19.39
N TYR D 32 30.52 3.18 -18.53
CA TYR D 32 30.74 4.26 -17.58
C TYR D 32 31.50 3.68 -16.38
N LYS D 33 32.21 4.54 -15.66
CA LYS D 33 32.99 4.08 -14.52
C LYS D 33 32.19 3.87 -13.24
N ASP D 34 31.04 4.52 -13.12
CA ASP D 34 30.20 4.38 -11.94
C ASP D 34 29.13 3.31 -12.20
N SER D 35 29.10 2.29 -11.36
CA SER D 35 28.14 1.20 -11.56
C SER D 35 26.67 1.61 -11.53
N TYR D 36 26.34 2.69 -10.82
CA TYR D 36 24.94 3.12 -10.75
C TYR D 36 24.43 3.65 -12.09
N ALA D 37 25.34 3.83 -13.04
CA ALA D 37 25.00 4.34 -14.37
C ALA D 37 24.47 3.22 -15.28
N ALA D 38 24.70 1.98 -14.88
CA ALA D 38 24.30 0.81 -15.66
C ALA D 38 22.82 0.75 -16.01
N SER D 39 22.48 -0.11 -16.98
CA SER D 39 21.10 -0.28 -17.39
C SER D 39 20.39 -1.04 -16.27
N ALA D 40 19.07 -1.19 -16.40
CA ALA D 40 18.27 -1.85 -15.39
C ALA D 40 18.68 -3.28 -15.05
N SER D 41 18.28 -3.72 -13.86
CA SER D 41 18.58 -5.09 -13.42
C SER D 41 17.24 -5.80 -13.24
N LYS D 42 16.83 -6.51 -14.29
CA LYS D 42 15.55 -7.21 -14.31
C LYS D 42 15.71 -8.72 -14.13
N GLN D 43 16.63 -9.14 -13.27
CA GLN D 43 16.85 -10.56 -13.09
C GLN D 43 16.61 -11.10 -11.68
N ASP D 44 15.99 -10.32 -10.81
CA ASP D 44 15.76 -10.80 -9.45
C ASP D 44 14.41 -11.48 -9.30
N PHE D 45 14.40 -12.79 -9.54
CA PHE D 45 13.18 -13.57 -9.46
C PHE D 45 12.88 -14.17 -8.08
N SER D 46 13.64 -13.75 -7.06
CA SER D 46 13.39 -14.26 -5.70
C SER D 46 12.08 -13.68 -5.18
N GLN D 47 11.38 -14.49 -4.40
CA GLN D 47 10.11 -14.08 -3.82
C GLN D 47 9.89 -14.76 -2.48
N ASP D 48 9.08 -14.13 -1.64
CA ASP D 48 8.71 -14.70 -0.35
C ASP D 48 7.39 -14.05 0.08
N PRO D 49 6.30 -14.44 -0.60
CA PRO D 49 4.96 -13.90 -0.32
C PRO D 49 4.52 -14.09 1.13
N SER D 50 4.99 -15.17 1.77
CA SER D 50 4.60 -15.48 3.14
C SER D 50 4.88 -14.36 4.15
N LYS D 51 5.79 -13.45 3.84
CA LYS D 51 6.05 -12.37 4.77
C LYS D 51 4.83 -11.45 4.81
N PHE D 52 3.99 -11.52 3.78
CA PHE D 52 2.78 -10.71 3.69
C PHE D 52 1.52 -11.56 3.86
N THR D 53 1.52 -12.75 3.28
CA THR D 53 0.36 -13.64 3.34
C THR D 53 0.23 -14.51 4.59
N GLU D 54 1.35 -14.87 5.22
CA GLU D 54 1.31 -15.71 6.41
C GLU D 54 2.34 -15.31 7.44
N PRO D 55 2.23 -14.09 7.98
CA PRO D 55 3.19 -13.63 8.99
C PRO D 55 2.83 -14.11 10.39
N VAL D 56 2.30 -15.32 10.50
CA VAL D 56 1.94 -15.88 11.80
C VAL D 56 3.11 -16.67 12.36
N VAL D 57 3.31 -16.57 13.68
CA VAL D 57 4.41 -17.24 14.34
C VAL D 57 4.37 -18.76 14.17
N GLU D 58 3.18 -19.35 14.22
CA GLU D 58 3.05 -20.79 14.06
C GLU D 58 2.44 -21.11 12.70
N GLY D 59 3.22 -21.77 11.85
CA GLY D 59 2.75 -22.14 10.53
C GLY D 59 1.44 -22.88 10.53
N LEU D 60 0.57 -22.53 9.58
CA LEU D 60 -0.73 -23.17 9.47
C LEU D 60 -0.66 -24.38 8.54
N LYS D 61 -1.02 -25.55 9.07
CA LYS D 61 -0.98 -26.79 8.29
C LYS D 61 -2.21 -26.90 7.38
N ALA D 62 -1.98 -27.40 6.16
CA ALA D 62 -3.05 -27.56 5.18
C ALA D 62 -4.11 -28.57 5.64
N GLY D 63 -5.37 -28.18 5.55
CA GLY D 63 -6.46 -29.06 5.93
C GLY D 63 -6.82 -29.03 7.41
N ALA D 64 -5.82 -28.83 8.27
CA ALA D 64 -6.04 -28.79 9.71
C ALA D 64 -6.77 -27.53 10.16
N PRO D 65 -7.67 -27.65 11.15
CA PRO D 65 -8.41 -26.48 11.63
C PRO D 65 -7.39 -25.44 12.09
N VAL D 66 -7.51 -24.22 11.56
CA VAL D 66 -6.57 -23.15 11.92
C VAL D 66 -6.61 -22.81 13.40
N LEU D 67 -7.80 -22.84 14.00
CA LEU D 67 -7.93 -22.54 15.42
C LEU D 67 -8.17 -23.83 16.20
N LYS D 68 -7.25 -24.15 17.09
CA LYS D 68 -7.34 -25.37 17.89
C LYS D 68 -6.83 -25.13 19.31
C1 NAG E . -24.29 3.95 -11.58
C2 NAG E . -23.90 3.74 -12.95
C3 NAG E . -22.49 3.20 -13.03
C4 NAG E . -21.56 4.21 -12.36
C5 NAG E . -22.08 4.45 -10.83
C6 NAG E . -21.63 5.69 -10.00
C7 NAG E . -25.63 3.02 -14.51
C8 NAG E . -25.66 4.34 -15.29
N2 NAG E . -24.81 2.83 -13.48
O1 NAG E . -25.54 4.45 -11.56
O3 NAG E . -22.20 2.92 -14.40
O4 NAG E . -20.30 3.62 -12.46
O5 NAG E . -23.46 4.80 -10.94
O6 NAG E . -22.26 5.64 -8.66
O7 NAG E . -26.36 2.12 -14.84
C1 GAL E . -19.26 4.32 -13.10
C2 GAL E . -17.94 3.73 -12.46
C3 GAL E . -16.69 4.24 -13.39
C4 GAL E . -16.95 3.85 -14.85
C5 GAL E . -18.30 4.48 -15.19
C6 GAL E . -18.67 4.15 -16.58
O2 GAL E . -17.92 3.95 -11.24
O3 GAL E . -15.36 3.63 -13.08
O4 GAL E . -16.83 2.43 -15.10
O5 GAL E . -19.36 4.14 -14.45
O6 GAL E . -19.45 5.26 -16.91
C1 SIA E . -13.40 3.39 -14.40
C2 SIA E . -14.07 4.13 -13.12
C3 SIA E . -13.24 3.84 -11.80
C4 SIA E . -12.11 4.75 -11.63
C5 SIA E . -12.52 6.25 -11.91
C6 SIA E . -13.16 6.34 -13.23
C7 SIA E . -13.67 7.79 -13.66
C8 SIA E . -14.34 7.74 -15.07
C9 SIA E . -14.81 9.20 -15.40
C10 SIA E . -11.12 8.27 -11.30
C11 SIA E . -9.73 8.79 -11.63
N5 SIA E . -11.39 7.16 -11.87
O1A SIA E . -13.14 4.02 -15.48
O1B SIA E . -13.13 2.22 -14.33
O4 SIA E . -11.57 4.56 -10.53
O6 SIA E . -14.25 5.44 -13.19
O7 SIA E . -14.50 8.44 -12.75
O8 SIA E . -13.50 7.21 -16.03
O9 SIA E . -14.29 9.57 -16.52
O10 SIA E . -11.82 8.89 -10.59
#